data_8X8X
#
_entry.id   8X8X
#
_cell.length_a   54.722
_cell.length_b   136.996
_cell.length_c   149.985
_cell.angle_alpha   90.00
_cell.angle_beta   90.00
_cell.angle_gamma   90.00
#
_symmetry.space_group_name_H-M   'P 21 21 21'
#
loop_
_entity.id
_entity.type
_entity.pdbx_description
1 polymer 'Rho-associated protein kinase 2'
2 non-polymer ~{N}-methyl-3-[[1-oxidanylidene-6-[5-(trifluoromethyl)-1~{H}-pyrazol-4-yl]isoquinolin-2-yl]methyl]benzamide
3 non-polymer 'SULFATE ION'
4 water water
#
_entity_poly.entity_id   1
_entity_poly.type   'polypeptide(L)'
_entity_poly.pdbx_seq_one_letter_code
;QRKLEALIRDPRSPINVESLLDGLNSLVLDLDFPALRKNKNIDNFLNRYEKIVKKIRGLQMKAEDYDVVKVIGRGAFGEV
QLVRHKASQKVYAMKLLSKFEMIKRSDSAFFWEERDIMAFANSPWVVQLFYAFQDDRYLYMVMEYMPGGDLVNLMSNYDV
PEKWAKFYTAEVVLALDAIHSMGLIHRDVKPDNMLLDKHGHLKLADFGTCMKMDETGMVHCDTAVGTPDYISPEVLKSQG
GDGFYGRECDWWSVGVFLYEMLVGDTPFYADSLVGTYSKIMDHKNSLCFPEDAEISKHAKNLICAFLTDREVRLGRNGVE
EIRQHPFFKNDQWHWDNIRETAAPVVPELSSDIDSSNFDDIEDDKGDVETFPIPKAFVGNQLPFIGFTYYR
;
_entity_poly.pdbx_strand_id   A,B
#
# COMPACT_ATOMS: atom_id res chain seq x y z
N ALA A 6 9.32 -47.94 3.35
CA ALA A 6 8.05 -48.04 2.63
C ALA A 6 7.48 -46.67 2.29
N LEU A 7 7.57 -45.76 3.27
CA LEU A 7 7.30 -44.34 3.07
C LEU A 7 8.30 -43.70 2.11
N ILE A 8 9.47 -44.31 1.93
CA ILE A 8 10.53 -43.71 1.11
C ILE A 8 10.05 -43.48 -0.31
N ARG A 9 9.14 -44.32 -0.81
CA ARG A 9 8.67 -44.21 -2.18
C ARG A 9 7.48 -43.25 -2.33
N ASP A 10 6.71 -43.07 -1.27
CA ASP A 10 5.50 -42.25 -1.33
C ASP A 10 5.80 -40.78 -1.59
N PRO A 11 5.34 -40.19 -2.70
CA PRO A 11 5.58 -38.76 -2.96
C PRO A 11 4.86 -37.82 -1.99
N ARG A 12 4.00 -38.34 -1.11
CA ARG A 12 3.42 -37.52 -0.04
C ARG A 12 4.20 -37.62 1.26
N SER A 13 5.08 -38.63 1.41
CA SER A 13 5.73 -38.81 2.69
C SER A 13 6.83 -37.76 2.88
N PRO A 14 6.99 -37.26 4.11
CA PRO A 14 8.10 -36.33 4.39
C PRO A 14 9.47 -36.98 4.35
N ILE A 15 9.58 -38.31 4.25
CA ILE A 15 10.91 -38.91 4.24
C ILE A 15 11.17 -39.68 2.94
N ASN A 16 10.60 -39.23 1.83
CA ASN A 16 10.97 -39.82 0.54
C ASN A 16 12.40 -39.37 0.16
N VAL A 17 12.90 -39.93 -0.95
CA VAL A 17 14.28 -39.67 -1.37
C VAL A 17 14.52 -38.19 -1.59
N GLU A 18 13.59 -37.51 -2.26
CA GLU A 18 13.75 -36.09 -2.51
C GLU A 18 13.88 -35.31 -1.21
N SER A 19 13.16 -35.72 -0.17
CA SER A 19 13.25 -34.97 1.07
C SER A 19 14.52 -35.31 1.82
N LEU A 20 14.94 -36.58 1.79
CA LEU A 20 16.21 -36.96 2.38
C LEU A 20 17.35 -36.23 1.71
N LEU A 21 17.34 -36.14 0.36
CA LEU A 21 18.37 -35.36 -0.31
C LEU A 21 18.30 -33.89 0.07
N ASP A 22 17.09 -33.32 0.18
CA ASP A 22 16.93 -31.94 0.64
C ASP A 22 17.65 -31.72 1.97
N GLY A 23 17.52 -32.66 2.91
CA GLY A 23 18.15 -32.46 4.20
C GLY A 23 19.66 -32.44 4.13
N LEU A 24 20.23 -33.42 3.42
CA LEU A 24 21.68 -33.50 3.28
C LEU A 24 22.21 -32.27 2.58
N ASN A 25 21.55 -31.88 1.49
CA ASN A 25 21.91 -30.68 0.77
C ASN A 25 21.77 -29.48 1.66
N SER A 26 20.72 -29.46 2.48
CA SER A 26 20.42 -28.26 3.24
C SER A 26 21.40 -28.11 4.41
N LEU A 27 21.86 -29.25 4.94
CA LEU A 27 22.82 -29.21 6.02
C LEU A 27 24.17 -28.71 5.53
N VAL A 28 24.61 -29.17 4.37
CA VAL A 28 25.88 -28.72 3.83
C VAL A 28 25.80 -27.22 3.55
N LEU A 29 24.65 -26.76 3.04
CA LEU A 29 24.51 -25.34 2.75
C LEU A 29 24.69 -24.51 4.01
N ASP A 30 24.02 -24.90 5.09
CA ASP A 30 23.99 -24.09 6.32
C ASP A 30 25.25 -24.23 7.17
N LEU A 31 26.16 -25.15 6.86
CA LEU A 31 27.37 -25.30 7.65
C LEU A 31 28.63 -24.82 6.96
N ASP A 32 28.65 -24.77 5.62
CA ASP A 32 29.89 -24.54 4.87
C ASP A 32 30.24 -23.06 4.89
N PHE A 33 30.89 -22.66 5.98
CA PHE A 33 31.42 -21.32 6.17
C PHE A 33 32.72 -21.45 6.95
N PRO A 34 33.70 -20.57 6.67
CA PRO A 34 34.99 -20.71 7.36
C PRO A 34 34.86 -20.67 8.88
N ALA A 35 33.98 -19.81 9.41
CA ALA A 35 33.84 -19.68 10.86
C ALA A 35 33.36 -20.98 11.50
N LEU A 36 32.32 -21.59 10.93
CA LEU A 36 31.78 -22.81 11.51
C LEU A 36 32.71 -23.99 11.32
N ARG A 37 33.60 -23.92 10.32
CA ARG A 37 34.53 -25.02 10.06
C ARG A 37 35.63 -25.16 11.12
N LYS A 38 35.77 -24.19 12.04
CA LYS A 38 36.68 -24.40 13.15
C LYS A 38 36.24 -25.57 14.03
N ASN A 39 34.94 -25.84 14.08
CA ASN A 39 34.47 -27.05 14.74
C ASN A 39 34.90 -28.26 13.92
N LYS A 40 35.62 -29.19 14.56
CA LYS A 40 36.14 -30.35 13.85
C LYS A 40 35.02 -31.26 13.35
N ASN A 41 33.97 -31.42 14.14
CA ASN A 41 32.81 -32.20 13.70
C ASN A 41 32.30 -31.69 12.36
N ILE A 42 32.13 -30.38 12.24
CA ILE A 42 31.59 -29.78 11.03
C ILE A 42 32.53 -30.00 9.85
N ASP A 43 33.84 -29.89 10.09
CA ASP A 43 34.80 -30.12 9.02
C ASP A 43 34.89 -31.60 8.63
N ASN A 44 34.82 -32.51 9.61
CA ASN A 44 34.90 -33.94 9.28
C ASN A 44 33.71 -34.37 8.42
N PHE A 45 32.52 -33.86 8.72
CA PHE A 45 31.36 -34.13 7.88
C PHE A 45 31.52 -33.51 6.51
N LEU A 46 31.95 -32.23 6.46
CA LEU A 46 32.02 -31.57 5.16
C LEU A 46 32.99 -32.30 4.23
N ASN A 47 34.16 -32.72 4.75
CA ASN A 47 35.14 -33.39 3.90
C ASN A 47 34.57 -34.67 3.32
N ARG A 48 33.88 -35.44 4.14
CA ARG A 48 33.27 -36.66 3.65
C ARG A 48 32.24 -36.40 2.55
N TYR A 49 31.48 -35.29 2.61
CA TYR A 49 30.28 -35.15 1.79
C TYR A 49 30.29 -34.01 0.77
N GLU A 50 31.18 -33.04 0.90
CA GLU A 50 31.25 -31.88 0.01
C GLU A 50 31.53 -32.19 -1.46
N LYS A 51 32.38 -33.15 -1.81
CA LYS A 51 32.57 -33.42 -3.24
C LYS A 51 31.31 -34.04 -3.86
N ILE A 52 30.72 -35.06 -3.23
CA ILE A 52 29.58 -35.74 -3.85
C ILE A 52 28.33 -34.85 -3.82
N VAL A 53 28.21 -33.96 -2.84
CA VAL A 53 27.08 -33.04 -2.86
C VAL A 53 27.14 -32.14 -4.08
N LYS A 54 28.34 -31.67 -4.42
CA LYS A 54 28.43 -30.83 -5.60
C LYS A 54 28.10 -31.64 -6.86
N LYS A 55 28.46 -32.93 -6.87
CA LYS A 55 28.05 -33.77 -8.00
C LYS A 55 26.54 -33.93 -8.04
N ILE A 56 25.92 -34.24 -6.89
CA ILE A 56 24.47 -34.36 -6.81
C ILE A 56 23.81 -33.08 -7.31
N ARG A 57 24.39 -31.92 -6.99
CA ARG A 57 23.80 -30.66 -7.41
C ARG A 57 23.69 -30.57 -8.93
N GLY A 58 24.70 -31.08 -9.64
CA GLY A 58 24.68 -30.99 -11.09
C GLY A 58 23.68 -31.93 -11.74
N LEU A 59 23.44 -33.08 -11.12
CA LEU A 59 22.52 -34.06 -11.67
C LEU A 59 21.07 -33.83 -11.26
N GLN A 60 20.82 -32.99 -10.26
CA GLN A 60 19.45 -32.69 -9.86
C GLN A 60 18.87 -31.65 -10.81
N MET A 61 17.55 -31.70 -10.99
CA MET A 61 16.90 -30.64 -11.73
C MET A 61 17.29 -29.30 -11.12
N LYS A 62 17.69 -28.36 -11.97
CA LYS A 62 18.20 -27.07 -11.52
C LYS A 62 17.76 -26.00 -12.53
N ALA A 63 17.92 -24.73 -12.12
CA ALA A 63 17.42 -23.62 -12.94
C ALA A 63 18.14 -23.51 -14.28
N GLU A 64 19.44 -23.77 -14.31
CA GLU A 64 20.15 -23.60 -15.58
C GLU A 64 19.67 -24.55 -16.67
N ASP A 65 18.82 -25.55 -16.34
CA ASP A 65 18.23 -26.43 -17.33
C ASP A 65 17.11 -25.77 -18.15
N TYR A 66 16.79 -24.51 -17.90
CA TYR A 66 15.69 -23.83 -18.57
C TYR A 66 16.19 -22.56 -19.25
N ASP A 67 15.69 -22.29 -20.46
CA ASP A 67 15.83 -20.97 -21.05
C ASP A 67 14.75 -20.05 -20.48
N VAL A 68 15.13 -18.85 -20.08
CA VAL A 68 14.13 -17.87 -19.66
C VAL A 68 13.71 -17.06 -20.88
N VAL A 69 12.48 -17.28 -21.34
CA VAL A 69 11.94 -16.59 -22.51
C VAL A 69 11.41 -15.20 -22.13
N LYS A 70 10.68 -15.08 -21.03
CA LYS A 70 10.10 -13.79 -20.67
C LYS A 70 9.50 -13.87 -19.26
N VAL A 71 9.55 -12.76 -18.55
CA VAL A 71 8.88 -12.64 -17.25
C VAL A 71 7.45 -12.18 -17.47
N ILE A 72 6.49 -12.94 -16.92
CA ILE A 72 5.08 -12.69 -17.15
C ILE A 72 4.29 -12.47 -15.87
N GLY A 73 4.93 -12.47 -14.70
CA GLY A 73 4.20 -12.21 -13.48
C GLY A 73 5.08 -11.89 -12.29
N ARG A 74 4.56 -11.13 -11.33
CA ARG A 74 5.31 -10.77 -10.13
C ARG A 74 4.39 -10.84 -8.92
N GLY A 75 5.01 -11.03 -7.76
CA GLY A 75 4.33 -11.15 -6.49
C GLY A 75 5.23 -10.63 -5.40
N ALA A 76 4.77 -10.72 -4.15
CA ALA A 76 5.51 -10.14 -3.02
C ALA A 76 6.90 -10.75 -2.86
N PHE A 77 7.03 -12.06 -3.12
CA PHE A 77 8.25 -12.78 -2.86
C PHE A 77 8.92 -13.35 -4.11
N GLY A 78 8.47 -12.98 -5.31
CA GLY A 78 9.15 -13.52 -6.49
C GLY A 78 8.42 -13.17 -7.78
N GLU A 79 8.56 -14.07 -8.75
CA GLU A 79 8.06 -13.81 -10.08
C GLU A 79 7.75 -15.12 -10.80
N VAL A 80 7.06 -15.00 -11.92
CA VAL A 80 6.72 -16.13 -12.77
C VAL A 80 7.35 -15.89 -14.12
N GLN A 81 8.08 -16.89 -14.61
CA GLN A 81 8.81 -16.79 -15.86
C GLN A 81 8.27 -17.78 -16.88
N LEU A 82 8.17 -17.34 -18.13
CA LEU A 82 7.93 -18.26 -19.23
C LEU A 82 9.26 -18.91 -19.60
N VAL A 83 9.35 -20.23 -19.50
CA VAL A 83 10.61 -20.92 -19.73
C VAL A 83 10.43 -22.06 -20.72
N ARG A 84 11.57 -22.47 -21.30
CA ARG A 84 11.64 -23.64 -22.16
C ARG A 84 12.74 -24.56 -21.61
N HIS A 85 12.39 -25.80 -21.32
CA HIS A 85 13.37 -26.77 -20.84
C HIS A 85 14.32 -27.15 -21.96
N LYS A 86 15.62 -26.97 -21.74
CA LYS A 86 16.59 -27.09 -22.83
C LYS A 86 16.60 -28.49 -23.43
N ALA A 87 16.81 -29.51 -22.59
CA ALA A 87 16.92 -30.88 -23.08
C ALA A 87 15.66 -31.31 -23.82
N SER A 88 14.49 -31.08 -23.23
CA SER A 88 13.25 -31.63 -23.77
C SER A 88 12.54 -30.64 -24.68
N GLN A 89 12.90 -29.36 -24.66
CA GLN A 89 12.26 -28.31 -25.45
C GLN A 89 10.80 -28.09 -25.09
N LYS A 90 10.34 -28.61 -23.94
CA LYS A 90 8.97 -28.33 -23.51
C LYS A 90 8.88 -26.95 -22.85
N VAL A 91 7.68 -26.38 -22.88
CA VAL A 91 7.42 -25.02 -22.41
C VAL A 91 6.60 -25.07 -21.13
N TYR A 92 6.99 -24.28 -20.12
CA TYR A 92 6.26 -24.21 -18.87
C TYR A 92 6.22 -22.77 -18.37
N ALA A 93 5.46 -22.58 -17.29
CA ALA A 93 5.54 -21.39 -16.44
C ALA A 93 6.22 -21.81 -15.15
N MET A 94 7.20 -21.00 -14.70
CA MET A 94 8.00 -21.34 -13.53
C MET A 94 7.85 -20.20 -12.53
N LYS A 95 7.38 -20.51 -11.32
CA LYS A 95 7.24 -19.52 -10.26
C LYS A 95 8.42 -19.62 -9.29
N LEU A 96 8.99 -18.48 -8.92
CA LEU A 96 10.12 -18.42 -7.99
C LEU A 96 9.73 -17.74 -6.68
N LEU A 97 10.20 -18.28 -5.56
CA LEU A 97 10.00 -17.68 -4.24
C LEU A 97 11.36 -17.48 -3.58
N SER A 98 11.64 -16.23 -3.18
CA SER A 98 12.92 -15.84 -2.61
C SER A 98 13.01 -16.29 -1.14
N LYS A 99 14.02 -17.10 -0.85
CA LYS A 99 14.18 -17.60 0.51
C LYS A 99 14.54 -16.46 1.46
N PHE A 100 15.42 -15.55 1.05
CA PHE A 100 15.78 -14.43 1.90
C PHE A 100 14.55 -13.64 2.34
N GLU A 101 13.69 -13.29 1.37
CA GLU A 101 12.52 -12.46 1.67
C GLU A 101 11.53 -13.21 2.56
N MET A 102 11.32 -14.49 2.30
CA MET A 102 10.35 -15.23 3.09
C MET A 102 10.79 -15.29 4.56
N ILE A 103 12.10 -15.43 4.80
CA ILE A 103 12.60 -15.40 6.17
C ILE A 103 12.52 -13.98 6.72
N LYS A 104 13.02 -12.99 5.95
CA LYS A 104 13.10 -11.61 6.41
C LYS A 104 11.75 -11.08 6.87
N ARG A 105 10.66 -11.59 6.30
CA ARG A 105 9.31 -11.08 6.56
C ARG A 105 8.43 -12.11 7.25
N SER A 106 9.05 -12.99 8.04
CA SER A 106 8.42 -14.06 8.81
C SER A 106 7.25 -14.74 8.09
N ASP A 107 7.46 -15.09 6.83
CA ASP A 107 6.41 -15.70 6.03
C ASP A 107 7.03 -16.89 5.28
N SER A 108 7.14 -18.03 5.97
CA SER A 108 7.89 -19.16 5.46
C SER A 108 7.08 -20.45 5.33
N ALA A 109 5.74 -20.41 5.36
CA ALA A 109 5.01 -21.67 5.31
C ALA A 109 3.75 -21.68 4.46
N PHE A 110 3.49 -20.65 3.65
CA PHE A 110 2.26 -20.63 2.86
C PHE A 110 2.37 -21.51 1.63
N PHE A 111 3.58 -21.90 1.23
CA PHE A 111 3.74 -22.55 -0.05
C PHE A 111 3.47 -24.04 0.03
N TRP A 112 3.29 -24.60 1.23
CA TRP A 112 3.08 -26.04 1.32
C TRP A 112 1.76 -26.45 0.71
N GLU A 113 0.67 -25.75 1.07
CA GLU A 113 -0.62 -26.09 0.49
C GLU A 113 -0.66 -25.73 -0.98
N GLU A 114 -0.02 -24.62 -1.36
CA GLU A 114 0.05 -24.23 -2.77
C GLU A 114 0.73 -25.32 -3.61
N ARG A 115 1.87 -25.84 -3.13
CA ARG A 115 2.54 -26.90 -3.86
C ARG A 115 1.69 -28.16 -3.91
N ASP A 116 1.05 -28.50 -2.78
CA ASP A 116 0.33 -29.77 -2.71
C ASP A 116 -0.95 -29.75 -3.54
N ILE A 117 -1.66 -28.61 -3.56
CA ILE A 117 -2.85 -28.49 -4.38
C ILE A 117 -2.51 -28.66 -5.86
N MET A 118 -1.52 -27.87 -6.35
CA MET A 118 -1.20 -27.94 -7.77
C MET A 118 -0.62 -29.30 -8.13
N ALA A 119 0.03 -29.98 -7.19
CA ALA A 119 0.64 -31.26 -7.51
C ALA A 119 -0.36 -32.41 -7.52
N PHE A 120 -1.36 -32.39 -6.63
CA PHE A 120 -2.18 -33.57 -6.40
C PHE A 120 -3.67 -33.36 -6.66
N ALA A 121 -4.10 -32.14 -6.95
CA ALA A 121 -5.54 -31.91 -7.16
C ALA A 121 -6.06 -32.72 -8.33
N ASN A 122 -5.28 -32.81 -9.40
CA ASN A 122 -5.68 -33.58 -10.58
C ASN A 122 -7.07 -33.15 -11.04
N SER A 123 -7.24 -31.84 -11.18
CA SER A 123 -8.54 -31.26 -11.50
C SER A 123 -8.39 -30.35 -12.70
N PRO A 124 -9.32 -30.39 -13.64
CA PRO A 124 -9.27 -29.44 -14.75
C PRO A 124 -9.37 -27.99 -14.30
N TRP A 125 -9.84 -27.74 -13.06
CA TRP A 125 -10.03 -26.39 -12.55
C TRP A 125 -8.80 -25.84 -11.82
N VAL A 126 -7.74 -26.64 -11.68
CA VAL A 126 -6.58 -26.26 -10.90
C VAL A 126 -5.33 -26.38 -11.77
N VAL A 127 -4.55 -25.30 -11.86
CA VAL A 127 -3.28 -25.36 -12.58
C VAL A 127 -2.43 -26.47 -11.99
N GLN A 128 -1.86 -27.31 -12.86
CA GLN A 128 -1.11 -28.49 -12.44
C GLN A 128 0.39 -28.20 -12.29
N LEU A 129 1.00 -28.79 -11.28
CA LEU A 129 2.44 -28.69 -11.04
C LEU A 129 3.15 -29.98 -11.45
N PHE A 130 4.18 -29.85 -12.28
CA PHE A 130 4.99 -30.99 -12.72
C PHE A 130 6.26 -31.21 -11.91
N TYR A 131 6.96 -30.12 -11.53
CA TYR A 131 8.18 -30.25 -10.74
C TYR A 131 8.30 -29.11 -9.74
N ALA A 132 8.85 -29.43 -8.56
CA ALA A 132 9.28 -28.44 -7.59
C ALA A 132 10.73 -28.75 -7.22
N PHE A 133 11.58 -27.74 -7.26
CA PHE A 133 12.97 -27.91 -6.88
C PHE A 133 13.44 -26.63 -6.22
N GLN A 134 14.70 -26.63 -5.75
CA GLN A 134 15.22 -25.46 -5.05
C GLN A 134 16.71 -25.35 -5.27
N ASP A 135 17.20 -24.12 -5.15
CA ASP A 135 18.62 -23.91 -4.92
C ASP A 135 18.78 -23.04 -3.66
N ASP A 136 19.97 -22.54 -3.40
CA ASP A 136 20.16 -21.89 -2.11
C ASP A 136 19.45 -20.54 -2.03
N ARG A 137 18.93 -20.02 -3.14
CA ARG A 137 18.26 -18.73 -3.15
C ARG A 137 16.74 -18.81 -3.29
N TYR A 138 16.21 -19.74 -4.09
CA TYR A 138 14.83 -19.69 -4.52
C TYR A 138 14.14 -21.03 -4.36
N LEU A 139 12.81 -20.96 -4.25
CA LEU A 139 11.95 -22.10 -4.50
C LEU A 139 11.44 -21.99 -5.94
N TYR A 140 11.23 -23.14 -6.57
CA TYR A 140 10.77 -23.18 -7.95
C TYR A 140 9.56 -24.09 -8.07
N MET A 141 8.49 -23.60 -8.71
CA MET A 141 7.32 -24.41 -9.03
C MET A 141 7.12 -24.35 -10.54
N VAL A 142 7.30 -25.50 -11.20
CA VAL A 142 7.23 -25.62 -12.65
C VAL A 142 5.84 -26.11 -13.00
N MET A 143 5.07 -25.26 -13.68
CA MET A 143 3.65 -25.43 -13.89
C MET A 143 3.30 -25.42 -15.37
N GLU A 144 2.18 -26.06 -15.69
CA GLU A 144 1.58 -25.92 -17.02
C GLU A 144 1.30 -24.45 -17.31
N TYR A 145 1.72 -24.01 -18.48
CA TYR A 145 1.58 -22.62 -18.90
C TYR A 145 0.14 -22.33 -19.33
N MET A 146 -0.39 -21.18 -18.92
CA MET A 146 -1.74 -20.75 -19.31
C MET A 146 -1.66 -19.60 -20.31
N PRO A 147 -1.60 -19.88 -21.62
CA PRO A 147 -1.32 -18.80 -22.59
C PRO A 147 -2.49 -17.87 -22.81
N GLY A 148 -3.67 -18.18 -22.29
CA GLY A 148 -4.82 -17.31 -22.45
C GLY A 148 -4.79 -16.03 -21.63
N GLY A 149 -3.91 -15.93 -20.63
CA GLY A 149 -3.92 -14.76 -19.76
C GLY A 149 -4.97 -14.81 -18.66
N ASP A 150 -5.08 -13.72 -17.91
CA ASP A 150 -6.01 -13.69 -16.78
C ASP A 150 -7.21 -12.83 -17.10
N LEU A 151 -8.16 -12.77 -16.15
CA LEU A 151 -9.41 -12.06 -16.41
C LEU A 151 -9.31 -10.56 -16.15
N VAL A 152 -8.22 -10.09 -15.54
CA VAL A 152 -7.92 -8.66 -15.55
C VAL A 152 -7.62 -8.20 -16.97
N ASN A 153 -6.77 -8.97 -17.68
CA ASN A 153 -6.45 -8.64 -19.06
C ASN A 153 -7.69 -8.74 -19.94
N LEU A 154 -8.54 -9.75 -19.71
CA LEU A 154 -9.74 -9.89 -20.54
C LEU A 154 -10.68 -8.70 -20.33
N MET A 155 -10.89 -8.30 -19.06
CA MET A 155 -11.78 -7.18 -18.76
C MET A 155 -11.26 -5.85 -19.29
N SER A 156 -9.93 -5.68 -19.35
CA SER A 156 -9.35 -4.46 -19.93
C SER A 156 -9.46 -4.40 -21.46
N ASN A 157 -9.86 -5.48 -22.14
CA ASN A 157 -9.90 -5.51 -23.60
C ASN A 157 -11.28 -5.69 -24.17
N TYR A 158 -12.28 -5.97 -23.35
CA TYR A 158 -13.63 -6.19 -23.83
C TYR A 158 -14.60 -5.53 -22.86
N ASP A 159 -15.78 -5.18 -23.38
CA ASP A 159 -16.93 -4.87 -22.52
C ASP A 159 -17.65 -6.19 -22.31
N VAL A 160 -17.65 -6.71 -21.10
CA VAL A 160 -18.11 -8.07 -20.89
C VAL A 160 -19.64 -8.03 -20.86
N PRO A 161 -20.30 -8.59 -21.87
CA PRO A 161 -21.75 -8.73 -21.78
C PRO A 161 -22.13 -9.76 -20.75
N GLU A 162 -23.39 -9.67 -20.30
CA GLU A 162 -23.85 -10.58 -19.26
C GLU A 162 -23.75 -12.03 -19.70
N LYS A 163 -23.82 -12.34 -21.00
CA LYS A 163 -23.69 -13.73 -21.43
C LYS A 163 -22.30 -14.29 -21.10
N TRP A 164 -21.24 -13.51 -21.34
CA TRP A 164 -19.90 -13.90 -20.94
C TRP A 164 -19.79 -13.99 -19.42
N ALA A 165 -20.34 -12.99 -18.71
CA ALA A 165 -20.26 -12.99 -17.25
C ALA A 165 -20.91 -14.25 -16.68
N LYS A 166 -22.01 -14.72 -17.27
CA LYS A 166 -22.61 -15.96 -16.80
C LYS A 166 -21.63 -17.12 -16.90
N PHE A 167 -20.92 -17.21 -18.02
CA PHE A 167 -19.98 -18.30 -18.27
C PHE A 167 -18.83 -18.29 -17.26
N TYR A 168 -18.12 -17.16 -17.15
CA TYR A 168 -16.96 -17.13 -16.25
C TYR A 168 -17.36 -17.28 -14.79
N THR A 169 -18.53 -16.74 -14.39
CA THR A 169 -18.97 -16.91 -13.00
C THR A 169 -19.30 -18.37 -12.71
N ALA A 170 -19.98 -19.04 -13.65
CA ALA A 170 -20.22 -20.47 -13.49
C ALA A 170 -18.91 -21.25 -13.35
N GLU A 171 -17.92 -20.99 -14.24
CA GLU A 171 -16.65 -21.74 -14.14
C GLU A 171 -15.95 -21.47 -12.82
N VAL A 172 -15.98 -20.23 -12.34
CA VAL A 172 -15.37 -19.95 -11.04
C VAL A 172 -16.09 -20.71 -9.94
N VAL A 173 -17.42 -20.77 -10.00
CA VAL A 173 -18.19 -21.45 -8.95
C VAL A 173 -17.81 -22.92 -8.89
N LEU A 174 -17.70 -23.54 -10.08
CA LEU A 174 -17.31 -24.95 -10.10
C LEU A 174 -15.89 -25.13 -9.61
N ALA A 175 -14.99 -24.20 -9.94
CA ALA A 175 -13.62 -24.39 -9.51
C ALA A 175 -13.52 -24.29 -7.99
N LEU A 176 -14.15 -23.28 -7.41
CA LEU A 176 -14.18 -23.14 -5.94
C LEU A 176 -14.87 -24.34 -5.29
N ASP A 177 -15.95 -24.85 -5.88
CA ASP A 177 -16.55 -26.03 -5.29
C ASP A 177 -15.56 -27.19 -5.26
N ALA A 178 -14.78 -27.36 -6.33
CA ALA A 178 -13.80 -28.42 -6.37
C ALA A 178 -12.74 -28.25 -5.28
N ILE A 179 -12.25 -27.02 -5.11
CA ILE A 179 -11.28 -26.76 -4.04
C ILE A 179 -11.89 -27.04 -2.67
N HIS A 180 -13.15 -26.62 -2.47
CA HIS A 180 -13.82 -26.88 -1.19
C HIS A 180 -13.90 -28.39 -0.91
N SER A 181 -14.11 -29.20 -1.94
CA SER A 181 -14.26 -30.63 -1.71
C SER A 181 -12.95 -31.30 -1.39
N MET A 182 -11.83 -30.65 -1.63
CA MET A 182 -10.56 -31.14 -1.13
C MET A 182 -10.33 -30.69 0.30
N GLY A 183 -11.29 -29.99 0.90
CA GLY A 183 -11.16 -29.53 2.26
C GLY A 183 -10.55 -28.17 2.44
N LEU A 184 -10.41 -27.39 1.37
CA LEU A 184 -9.70 -26.12 1.41
C LEU A 184 -10.66 -24.97 1.14
N ILE A 185 -10.39 -23.84 1.80
CA ILE A 185 -10.99 -22.54 1.51
C ILE A 185 -9.93 -21.72 0.80
N HIS A 186 -10.31 -21.06 -0.29
CA HIS A 186 -9.31 -20.34 -1.07
C HIS A 186 -8.86 -19.07 -0.37
N ARG A 187 -9.79 -18.15 -0.08
CA ARG A 187 -9.55 -16.92 0.66
C ARG A 187 -8.88 -15.80 -0.16
N ASP A 188 -8.52 -16.02 -1.41
CA ASP A 188 -7.94 -14.94 -2.21
C ASP A 188 -8.45 -15.02 -3.65
N VAL A 189 -9.77 -15.20 -3.77
CA VAL A 189 -10.45 -15.23 -5.06
C VAL A 189 -10.41 -13.84 -5.68
N LYS A 190 -9.82 -13.73 -6.87
CA LYS A 190 -9.84 -12.46 -7.59
C LYS A 190 -9.53 -12.72 -9.06
N PRO A 191 -9.87 -11.78 -9.96
CA PRO A 191 -9.57 -12.00 -11.38
C PRO A 191 -8.09 -12.20 -11.67
N ASP A 192 -7.19 -11.66 -10.85
CA ASP A 192 -5.78 -11.92 -11.14
C ASP A 192 -5.40 -13.37 -10.92
N ASN A 193 -6.23 -14.14 -10.23
CA ASN A 193 -6.01 -15.56 -9.99
C ASN A 193 -6.82 -16.46 -10.90
N MET A 194 -7.50 -15.91 -11.88
CA MET A 194 -8.31 -16.69 -12.80
C MET A 194 -7.56 -16.71 -14.12
N LEU A 195 -6.95 -17.84 -14.45
CA LEU A 195 -6.18 -17.94 -15.69
C LEU A 195 -6.95 -18.71 -16.75
N LEU A 196 -6.67 -18.37 -18.02
CA LEU A 196 -7.33 -18.97 -19.17
C LEU A 196 -6.34 -19.85 -19.94
N ASP A 197 -6.77 -21.05 -20.33
CA ASP A 197 -5.91 -21.98 -21.03
C ASP A 197 -6.01 -21.74 -22.54
N LYS A 198 -5.38 -22.62 -23.32
CA LYS A 198 -5.31 -22.49 -24.76
C LYS A 198 -6.68 -22.49 -25.45
N HIS A 199 -7.72 -23.02 -24.80
CA HIS A 199 -9.07 -23.05 -25.34
C HIS A 199 -9.99 -22.00 -24.74
N GLY A 200 -9.47 -21.10 -23.90
CA GLY A 200 -10.29 -20.08 -23.27
C GLY A 200 -11.02 -20.49 -21.99
N HIS A 201 -10.73 -21.64 -21.41
CA HIS A 201 -11.38 -22.06 -20.17
C HIS A 201 -10.53 -21.74 -18.95
N LEU A 202 -11.21 -21.57 -17.83
CA LEU A 202 -10.65 -21.00 -16.61
C LEU A 202 -9.95 -22.05 -15.76
N LYS A 203 -8.87 -21.63 -15.10
CA LYS A 203 -8.26 -22.40 -14.02
C LYS A 203 -7.88 -21.43 -12.92
N LEU A 204 -7.95 -21.92 -11.67
CA LEU A 204 -7.54 -21.14 -10.51
C LEU A 204 -6.05 -21.31 -10.25
N ALA A 205 -5.44 -20.27 -9.70
CA ALA A 205 -4.02 -20.28 -9.39
C ALA A 205 -3.78 -19.47 -8.12
N ASP A 206 -2.49 -19.38 -7.74
CA ASP A 206 -2.07 -18.67 -6.54
C ASP A 206 -2.83 -19.16 -5.32
N PHE A 207 -2.45 -20.34 -4.81
CA PHE A 207 -3.10 -20.90 -3.65
C PHE A 207 -2.34 -20.60 -2.36
N GLY A 208 -1.66 -19.46 -2.32
CA GLY A 208 -0.81 -19.14 -1.19
C GLY A 208 -1.54 -18.90 0.12
N THR A 209 -2.79 -18.44 0.07
CA THR A 209 -3.52 -18.12 1.29
C THR A 209 -4.56 -19.19 1.63
N CYS A 210 -4.43 -20.41 1.11
CA CYS A 210 -5.45 -21.43 1.36
C CYS A 210 -5.33 -22.03 2.74
N MET A 211 -6.44 -22.61 3.22
CA MET A 211 -6.48 -23.16 4.56
C MET A 211 -7.40 -24.38 4.60
N LYS A 212 -6.95 -25.43 5.29
CA LYS A 212 -7.76 -26.64 5.43
C LYS A 212 -8.77 -26.46 6.56
N MET A 213 -9.99 -26.95 6.35
CA MET A 213 -11.08 -26.80 7.29
C MET A 213 -11.03 -27.87 8.39
N ASP A 214 -11.59 -27.54 9.57
CA ASP A 214 -11.83 -28.51 10.65
C ASP A 214 -12.72 -29.63 10.16
N GLU A 215 -12.79 -30.71 10.96
CA GLU A 215 -13.78 -31.75 10.72
C GLU A 215 -15.20 -31.20 10.79
N THR A 216 -15.36 -29.94 11.17
CA THR A 216 -16.65 -29.28 11.22
C THR A 216 -16.85 -28.31 10.05
N GLY A 217 -15.83 -28.14 9.20
CA GLY A 217 -15.92 -27.22 8.08
C GLY A 217 -15.50 -25.79 8.37
N MET A 218 -14.82 -25.55 9.48
CA MET A 218 -14.52 -24.20 9.92
C MET A 218 -13.02 -24.03 10.04
N VAL A 219 -12.59 -22.78 10.13
CA VAL A 219 -11.19 -22.44 10.37
C VAL A 219 -11.14 -21.40 11.50
N HIS A 220 -10.15 -21.56 12.39
CA HIS A 220 -9.79 -20.54 13.38
C HIS A 220 -8.70 -19.66 12.80
N CYS A 221 -8.93 -18.36 12.80
CA CYS A 221 -7.85 -17.50 12.33
C CYS A 221 -8.04 -16.13 12.93
N ASP A 222 -6.95 -15.53 13.36
CA ASP A 222 -6.97 -14.20 13.95
C ASP A 222 -6.31 -13.18 13.04
N THR A 223 -6.17 -13.50 11.75
CA THR A 223 -5.43 -12.66 10.82
C THR A 223 -6.23 -12.46 9.55
N ALA A 224 -6.46 -11.20 9.19
CA ALA A 224 -7.20 -10.94 7.97
C ALA A 224 -6.25 -11.18 6.79
N VAL A 225 -6.71 -11.91 5.78
CA VAL A 225 -5.87 -12.26 4.63
C VAL A 225 -6.60 -11.96 3.32
N GLY A 226 -5.81 -11.91 2.27
CA GLY A 226 -6.36 -11.75 0.94
C GLY A 226 -5.98 -10.44 0.28
N THR A 227 -6.93 -9.85 -0.42
CA THR A 227 -6.72 -8.62 -1.18
C THR A 227 -7.77 -7.61 -0.76
N PRO A 228 -7.42 -6.33 -0.60
CA PRO A 228 -8.37 -5.41 0.08
C PRO A 228 -9.70 -5.26 -0.65
N ASP A 229 -9.71 -5.17 -1.97
CA ASP A 229 -10.98 -5.01 -2.69
C ASP A 229 -11.92 -6.20 -2.48
N TYR A 230 -11.37 -7.39 -2.26
CA TYR A 230 -12.17 -8.61 -2.29
C TYR A 230 -12.43 -9.25 -0.93
N ILE A 231 -11.98 -8.63 0.16
CA ILE A 231 -12.01 -9.32 1.45
C ILE A 231 -13.41 -9.24 2.06
N SER A 232 -13.90 -10.37 2.57
CA SER A 232 -15.21 -10.48 3.17
C SER A 232 -15.26 -9.88 4.58
N PRO A 233 -16.45 -9.46 5.05
CA PRO A 233 -16.56 -8.90 6.40
C PRO A 233 -16.05 -9.81 7.49
N GLU A 234 -16.42 -11.10 7.48
CA GLU A 234 -16.03 -11.95 8.60
C GLU A 234 -14.51 -12.14 8.66
N VAL A 235 -13.85 -12.28 7.50
CA VAL A 235 -12.40 -12.44 7.52
C VAL A 235 -11.74 -11.13 7.98
N LEU A 236 -12.24 -10.00 7.49
CA LEU A 236 -11.72 -8.74 7.94
C LEU A 236 -11.86 -8.60 9.46
N LYS A 237 -13.05 -8.94 9.98
CA LYS A 237 -13.34 -8.85 11.41
C LYS A 237 -12.49 -9.81 12.23
N SER A 238 -11.92 -10.83 11.62
CA SER A 238 -11.19 -11.80 12.40
C SER A 238 -9.81 -11.29 12.84
N GLN A 239 -9.36 -10.15 12.31
CA GLN A 239 -8.09 -9.59 12.75
C GLN A 239 -8.09 -9.27 14.25
N GLY A 240 -9.23 -8.81 14.77
CA GLY A 240 -9.28 -8.51 16.19
C GLY A 240 -9.39 -9.71 17.12
N GLY A 241 -9.01 -10.89 16.65
CA GLY A 241 -9.08 -12.07 17.49
C GLY A 241 -10.22 -13.06 17.34
N ASP A 242 -9.78 -14.30 17.18
CA ASP A 242 -10.61 -15.52 17.20
C ASP A 242 -11.72 -15.50 16.14
N GLY A 243 -11.28 -15.55 14.88
CA GLY A 243 -12.21 -15.72 13.81
C GLY A 243 -12.54 -17.20 13.65
N PHE A 244 -13.82 -17.47 13.46
CA PHE A 244 -14.35 -18.82 13.24
C PHE A 244 -15.34 -18.69 12.09
N TYR A 245 -14.94 -19.13 10.88
CA TYR A 245 -15.79 -18.95 9.70
C TYR A 245 -15.62 -20.14 8.76
N GLY A 246 -16.51 -20.22 7.78
CA GLY A 246 -16.56 -21.31 6.83
C GLY A 246 -16.28 -20.87 5.41
N ARG A 247 -16.34 -21.85 4.50
CA ARG A 247 -16.06 -21.65 3.08
C ARG A 247 -16.82 -20.50 2.44
N GLU A 248 -17.93 -20.03 3.05
CA GLU A 248 -18.74 -18.99 2.38
C GLU A 248 -17.98 -17.69 2.17
N CYS A 249 -16.82 -17.52 2.77
CA CYS A 249 -16.06 -16.30 2.48
C CYS A 249 -15.60 -16.27 1.02
N ASP A 250 -15.46 -17.44 0.37
CA ASP A 250 -15.13 -17.42 -1.05
C ASP A 250 -16.31 -16.90 -1.89
N TRP A 251 -17.56 -17.17 -1.47
CA TRP A 251 -18.70 -16.73 -2.28
C TRP A 251 -18.86 -15.21 -2.25
N TRP A 252 -18.49 -14.58 -1.12
CA TRP A 252 -18.47 -13.11 -1.09
C TRP A 252 -17.54 -12.56 -2.16
N SER A 253 -16.36 -13.17 -2.35
CA SER A 253 -15.42 -12.63 -3.33
C SER A 253 -15.90 -12.88 -4.76
N VAL A 254 -16.66 -13.94 -5.00
CA VAL A 254 -17.30 -14.09 -6.31
C VAL A 254 -18.24 -12.93 -6.58
N GLY A 255 -18.97 -12.48 -5.55
CA GLY A 255 -19.86 -11.34 -5.72
C GLY A 255 -19.13 -10.08 -6.16
N VAL A 256 -18.00 -9.79 -5.52
CA VAL A 256 -17.17 -8.66 -5.94
C VAL A 256 -16.73 -8.79 -7.40
N PHE A 257 -16.31 -10.00 -7.80
CA PHE A 257 -15.86 -10.22 -9.17
C PHE A 257 -16.99 -9.96 -10.15
N LEU A 258 -18.22 -10.45 -9.85
CA LEU A 258 -19.33 -10.28 -10.77
C LEU A 258 -19.70 -8.81 -10.89
N TYR A 259 -19.72 -8.08 -9.78
CA TYR A 259 -19.90 -6.62 -9.82
C TYR A 259 -18.86 -5.98 -10.72
N GLU A 260 -17.60 -6.34 -10.54
CA GLU A 260 -16.54 -5.68 -11.29
C GLU A 260 -16.65 -5.96 -12.78
N MET A 261 -17.08 -7.17 -13.17
CA MET A 261 -17.19 -7.51 -14.60
C MET A 261 -18.30 -6.72 -15.27
N LEU A 262 -19.45 -6.60 -14.60
CA LEU A 262 -20.64 -5.97 -15.18
C LEU A 262 -20.69 -4.46 -14.99
N VAL A 263 -20.01 -3.92 -13.98
CA VAL A 263 -20.15 -2.50 -13.68
C VAL A 263 -18.92 -1.73 -14.12
N GLY A 264 -17.75 -2.37 -14.11
CA GLY A 264 -16.53 -1.72 -14.51
C GLY A 264 -15.63 -1.23 -13.38
N ASP A 265 -16.15 -1.15 -12.14
CA ASP A 265 -15.35 -0.85 -10.95
C ASP A 265 -15.65 -1.84 -9.84
N THR A 266 -14.75 -1.93 -8.84
CA THR A 266 -15.04 -2.77 -7.68
C THR A 266 -16.01 -2.06 -6.74
N PRO A 267 -16.91 -2.81 -6.09
CA PRO A 267 -18.01 -2.18 -5.34
C PRO A 267 -17.61 -1.44 -4.07
N PHE A 268 -16.43 -1.62 -3.52
CA PHE A 268 -16.09 -0.92 -2.29
C PHE A 268 -14.85 -0.06 -2.48
N TYR A 269 -14.75 0.50 -3.69
CA TYR A 269 -13.58 1.26 -4.05
C TYR A 269 -13.42 2.47 -3.14
N ALA A 270 -12.17 2.76 -2.78
CA ALA A 270 -11.84 3.94 -2.02
C ALA A 270 -10.43 4.37 -2.37
N ASP A 271 -10.10 5.61 -2.04
CA ASP A 271 -8.76 6.11 -2.34
C ASP A 271 -7.70 5.61 -1.37
N SER A 272 -8.10 5.16 -0.18
CA SER A 272 -7.16 4.62 0.79
C SER A 272 -7.52 3.19 1.11
N LEU A 273 -6.51 2.40 1.52
CA LEU A 273 -6.80 1.07 2.03
C LEU A 273 -7.75 1.15 3.23
N VAL A 274 -7.48 2.06 4.17
CA VAL A 274 -8.34 2.18 5.35
C VAL A 274 -9.75 2.56 4.93
N GLY A 275 -9.89 3.35 3.86
CA GLY A 275 -11.23 3.64 3.35
C GLY A 275 -11.93 2.41 2.82
N THR A 276 -11.21 1.58 2.05
CA THR A 276 -11.78 0.34 1.57
C THR A 276 -12.21 -0.55 2.72
N TYR A 277 -11.32 -0.72 3.71
CA TYR A 277 -11.67 -1.47 4.91
C TYR A 277 -12.95 -0.94 5.57
N SER A 278 -13.10 0.38 5.66
CA SER A 278 -14.25 0.95 6.34
C SER A 278 -15.53 0.74 5.52
N LYS A 279 -15.45 0.93 4.18
CA LYS A 279 -16.60 0.71 3.31
C LYS A 279 -17.10 -0.73 3.43
N ILE A 280 -16.18 -1.70 3.44
CA ILE A 280 -16.61 -3.09 3.54
C ILE A 280 -17.37 -3.33 4.82
N MET A 281 -16.89 -2.76 5.94
CA MET A 281 -17.60 -2.90 7.21
C MET A 281 -19.00 -2.32 7.10
N ASP A 282 -19.13 -1.16 6.45
CA ASP A 282 -20.39 -0.45 6.28
C ASP A 282 -21.15 -0.88 5.02
N HIS A 283 -21.01 -2.15 4.60
CA HIS A 283 -21.48 -2.54 3.26
C HIS A 283 -23.00 -2.41 3.11
N LYS A 284 -23.77 -2.68 4.16
CA LYS A 284 -25.22 -2.51 4.03
C LYS A 284 -25.60 -1.10 3.57
N ASN A 285 -24.74 -0.10 3.81
CA ASN A 285 -24.98 1.27 3.35
C ASN A 285 -24.10 1.73 2.20
N SER A 286 -22.97 1.08 1.94
CA SER A 286 -22.03 1.63 0.96
C SER A 286 -22.15 0.98 -0.39
N LEU A 287 -22.82 -0.17 -0.49
CA LEU A 287 -23.02 -0.87 -1.75
C LEU A 287 -24.06 -0.13 -2.57
N CYS A 288 -23.64 0.51 -3.65
CA CYS A 288 -24.54 1.35 -4.43
C CYS A 288 -24.25 1.19 -5.92
N PHE A 289 -25.26 0.76 -6.71
CA PHE A 289 -25.01 0.62 -8.14
C PHE A 289 -25.11 1.97 -8.83
N PRO A 290 -24.23 2.28 -9.77
CA PRO A 290 -24.31 3.58 -10.45
C PRO A 290 -25.64 3.74 -11.18
N GLU A 291 -26.07 4.99 -11.29
CA GLU A 291 -27.37 5.28 -11.89
C GLU A 291 -27.42 4.84 -13.35
N ASP A 292 -26.29 4.90 -14.05
CA ASP A 292 -26.21 4.55 -15.46
C ASP A 292 -25.78 3.10 -15.70
N ALA A 293 -26.06 2.21 -14.75
CA ALA A 293 -25.44 0.88 -14.78
C ALA A 293 -25.91 0.05 -15.96
N GLU A 294 -27.22 -0.08 -16.14
CA GLU A 294 -27.81 -0.97 -17.15
C GLU A 294 -27.37 -2.40 -16.91
N ILE A 295 -27.76 -2.91 -15.75
CA ILE A 295 -27.53 -4.29 -15.34
C ILE A 295 -28.88 -4.95 -15.07
N SER A 296 -29.04 -6.18 -15.52
CA SER A 296 -30.32 -6.84 -15.38
C SER A 296 -30.75 -7.01 -13.91
N LYS A 297 -32.04 -7.25 -13.72
CA LYS A 297 -32.56 -7.48 -12.38
C LYS A 297 -32.00 -8.78 -11.79
N HIS A 298 -31.79 -9.79 -12.62
CA HIS A 298 -31.28 -11.06 -12.09
C HIS A 298 -29.83 -10.93 -11.66
N ALA A 299 -29.01 -10.26 -12.48
CA ALA A 299 -27.61 -10.06 -12.13
C ALA A 299 -27.48 -9.23 -10.86
N LYS A 300 -28.26 -8.16 -10.77
CA LYS A 300 -28.20 -7.34 -9.57
C LYS A 300 -28.66 -8.14 -8.34
N ASN A 301 -29.62 -9.05 -8.52
CA ASN A 301 -30.08 -9.84 -7.39
C ASN A 301 -29.01 -10.83 -6.92
N LEU A 302 -28.28 -11.47 -7.87
CA LEU A 302 -27.24 -12.40 -7.44
C LEU A 302 -26.09 -11.65 -6.77
N ILE A 303 -25.66 -10.53 -7.34
CA ILE A 303 -24.61 -9.72 -6.71
C ILE A 303 -25.00 -9.38 -5.28
N CYS A 304 -26.26 -8.97 -5.08
CA CYS A 304 -26.62 -8.55 -3.73
C CYS A 304 -26.87 -9.74 -2.82
N ALA A 305 -27.12 -10.93 -3.39
CA ALA A 305 -27.19 -12.11 -2.56
C ALA A 305 -25.80 -12.59 -2.12
N PHE A 306 -24.74 -12.26 -2.88
CA PHE A 306 -23.40 -12.62 -2.42
C PHE A 306 -22.86 -11.58 -1.44
N LEU A 307 -23.13 -10.30 -1.68
CA LEU A 307 -22.53 -9.20 -0.92
C LEU A 307 -23.35 -8.86 0.34
N THR A 308 -23.52 -9.87 1.19
CA THR A 308 -24.17 -9.71 2.47
C THR A 308 -23.35 -10.42 3.54
N ASP A 309 -23.81 -10.28 4.77
CA ASP A 309 -23.22 -10.98 5.90
C ASP A 309 -23.44 -12.48 5.78
N ARG A 310 -22.50 -13.24 6.34
CA ARG A 310 -22.44 -14.68 6.14
C ARG A 310 -23.74 -15.39 6.56
N GLU A 311 -24.40 -14.93 7.63
CA GLU A 311 -25.58 -15.64 8.14
C GLU A 311 -26.72 -15.64 7.15
N VAL A 312 -26.69 -14.71 6.20
CA VAL A 312 -27.71 -14.52 5.19
C VAL A 312 -27.20 -14.81 3.75
N ARG A 313 -25.92 -15.12 3.57
CA ARG A 313 -25.31 -15.13 2.25
C ARG A 313 -25.68 -16.36 1.43
N LEU A 314 -26.00 -16.13 0.14
CA LEU A 314 -26.26 -17.25 -0.78
C LEU A 314 -25.03 -18.11 -0.89
N GLY A 315 -25.21 -19.43 -0.76
CA GLY A 315 -24.13 -20.37 -0.72
C GLY A 315 -23.86 -20.93 0.65
N ARG A 316 -24.36 -20.29 1.71
CA ARG A 316 -24.10 -20.81 3.06
C ARG A 316 -24.62 -22.24 3.22
N ASN A 317 -25.66 -22.61 2.46
CA ASN A 317 -26.21 -23.97 2.54
C ASN A 317 -25.64 -24.94 1.51
N GLY A 318 -24.71 -24.53 0.66
CA GLY A 318 -24.17 -25.40 -0.39
C GLY A 318 -24.27 -24.77 -1.77
N VAL A 319 -23.65 -25.45 -2.73
CA VAL A 319 -23.53 -24.85 -4.06
C VAL A 319 -24.81 -25.00 -4.88
N GLU A 320 -25.67 -25.95 -4.54
CA GLU A 320 -26.91 -26.15 -5.31
C GLU A 320 -27.78 -24.89 -5.30
N GLU A 321 -27.78 -24.14 -4.19
CA GLU A 321 -28.60 -22.94 -4.20
C GLU A 321 -27.99 -21.82 -5.05
N ILE A 322 -26.67 -21.87 -5.32
CA ILE A 322 -26.11 -20.94 -6.29
C ILE A 322 -26.47 -21.34 -7.72
N ARG A 323 -26.45 -22.64 -8.02
CA ARG A 323 -26.56 -23.08 -9.41
C ARG A 323 -27.95 -22.84 -9.97
N GLN A 324 -28.98 -22.89 -9.14
CA GLN A 324 -30.34 -22.72 -9.66
C GLN A 324 -30.72 -21.27 -9.84
N HIS A 325 -29.86 -20.33 -9.46
CA HIS A 325 -30.26 -18.93 -9.49
C HIS A 325 -30.60 -18.52 -10.92
N PRO A 326 -31.64 -17.71 -11.10
CA PRO A 326 -32.09 -17.37 -12.46
C PRO A 326 -31.05 -16.71 -13.34
N PHE A 327 -30.07 -16.02 -12.75
CA PHE A 327 -29.04 -15.36 -13.56
C PHE A 327 -28.33 -16.34 -14.49
N PHE A 328 -28.23 -17.61 -14.10
CA PHE A 328 -27.51 -18.58 -14.90
C PHE A 328 -28.37 -19.23 -16.00
N LYS A 329 -29.58 -18.75 -16.24
CA LYS A 329 -30.35 -19.29 -17.37
C LYS A 329 -29.67 -18.85 -18.66
N ASN A 330 -29.38 -19.83 -19.53
CA ASN A 330 -28.63 -19.52 -20.74
C ASN A 330 -28.87 -20.59 -21.77
N ASP A 331 -28.59 -20.24 -23.03
CA ASP A 331 -28.86 -21.15 -24.14
C ASP A 331 -27.59 -21.83 -24.68
N GLN A 332 -26.44 -21.70 -24.02
CA GLN A 332 -25.18 -22.26 -24.56
C GLN A 332 -24.60 -23.43 -23.76
N TRP A 333 -24.80 -23.52 -22.43
CA TRP A 333 -24.12 -24.55 -21.64
C TRP A 333 -24.96 -24.98 -20.44
N HIS A 334 -24.63 -26.14 -19.88
CA HIS A 334 -25.20 -26.72 -18.66
C HIS A 334 -24.10 -26.87 -17.59
N TRP A 335 -24.51 -26.93 -16.31
CA TRP A 335 -23.52 -27.05 -15.23
C TRP A 335 -22.61 -28.27 -15.37
N ASP A 336 -23.11 -29.35 -15.94
CA ASP A 336 -22.31 -30.58 -16.03
C ASP A 336 -21.45 -30.67 -17.30
N ASN A 337 -21.53 -29.70 -18.23
CA ASN A 337 -20.75 -29.79 -19.46
C ASN A 337 -20.08 -28.48 -19.86
N ILE A 338 -20.07 -27.46 -18.98
CA ILE A 338 -19.65 -26.13 -19.40
C ILE A 338 -18.22 -26.11 -19.92
N ARG A 339 -17.32 -26.92 -19.35
CA ARG A 339 -15.93 -26.84 -19.78
C ARG A 339 -15.67 -27.55 -21.10
N GLU A 340 -16.67 -28.25 -21.64
CA GLU A 340 -16.57 -28.88 -22.94
C GLU A 340 -17.31 -28.10 -24.02
N THR A 341 -17.83 -26.93 -23.68
CA THR A 341 -18.48 -26.07 -24.64
C THR A 341 -17.49 -24.98 -25.01
N ALA A 342 -17.85 -24.12 -25.94
CA ALA A 342 -16.89 -23.17 -26.47
C ALA A 342 -16.81 -21.95 -25.56
N ALA A 343 -15.60 -21.56 -25.20
CA ALA A 343 -15.42 -20.39 -24.37
C ALA A 343 -15.81 -19.13 -25.14
N PRO A 344 -16.14 -18.05 -24.44
CA PRO A 344 -16.51 -16.82 -25.14
C PRO A 344 -15.37 -16.20 -25.91
N VAL A 345 -14.13 -16.34 -25.46
CA VAL A 345 -12.96 -15.75 -26.13
C VAL A 345 -11.95 -16.87 -26.29
N VAL A 346 -11.68 -17.26 -27.53
CA VAL A 346 -10.67 -18.29 -27.81
C VAL A 346 -9.38 -17.60 -28.20
N PRO A 347 -8.26 -17.90 -27.56
CA PRO A 347 -7.02 -17.20 -27.86
C PRO A 347 -6.48 -17.60 -29.22
N GLU A 348 -5.95 -16.60 -29.97
CA GLU A 348 -5.21 -16.81 -31.21
C GLU A 348 -3.72 -16.79 -30.87
N LEU A 349 -3.07 -17.93 -30.98
CA LEU A 349 -1.71 -18.07 -30.50
C LEU A 349 -0.72 -18.28 -31.66
N SER A 350 0.41 -17.54 -31.62
CA SER A 350 1.37 -17.49 -32.72
C SER A 350 2.36 -18.66 -32.64
N SER A 351 2.92 -18.90 -31.46
CA SER A 351 3.89 -19.97 -31.24
C SER A 351 3.61 -20.58 -29.88
N ASP A 352 4.41 -21.59 -29.51
CA ASP A 352 4.22 -22.16 -28.17
C ASP A 352 4.79 -21.27 -27.07
N ILE A 353 5.35 -20.12 -27.41
CA ILE A 353 5.83 -19.17 -26.42
C ILE A 353 5.21 -17.81 -26.72
N ASP A 354 4.11 -17.81 -27.46
CA ASP A 354 3.30 -16.61 -27.57
C ASP A 354 2.91 -16.12 -26.17
N SER A 355 3.39 -14.92 -25.81
CA SER A 355 3.03 -14.34 -24.52
C SER A 355 2.28 -13.02 -24.68
N SER A 356 1.56 -12.85 -25.78
CA SER A 356 0.92 -11.56 -26.06
C SER A 356 -0.26 -11.23 -25.16
N ASN A 357 -0.82 -12.18 -24.42
CA ASN A 357 -1.85 -11.85 -23.44
C ASN A 357 -1.32 -11.46 -22.07
N PHE A 358 -0.02 -11.15 -21.95
CA PHE A 358 0.57 -10.71 -20.68
C PHE A 358 1.29 -9.39 -20.88
N ASP A 359 1.00 -8.42 -20.01
CA ASP A 359 1.76 -7.18 -20.01
C ASP A 359 3.23 -7.45 -19.70
N ASP A 360 4.10 -6.54 -20.13
CA ASP A 360 5.53 -6.65 -19.85
C ASP A 360 5.79 -6.27 -18.40
N ILE A 361 6.92 -6.75 -17.86
CA ILE A 361 7.30 -6.47 -16.47
C ILE A 361 8.64 -5.75 -16.44
N GLU A 362 8.76 -4.74 -15.56
CA GLU A 362 10.02 -4.04 -15.34
C GLU A 362 10.98 -4.89 -14.50
N GLU A 369 19.07 -9.62 -3.10
CA GLU A 369 19.74 -9.65 -1.80
C GLU A 369 19.74 -11.03 -1.13
N THR A 370 20.75 -11.27 -0.30
CA THR A 370 21.10 -12.59 0.20
C THR A 370 21.27 -12.57 1.72
N PHE A 371 21.31 -13.78 2.29
CA PHE A 371 21.58 -13.92 3.71
C PHE A 371 23.00 -13.44 4.05
N PRO A 372 23.19 -12.87 5.24
CA PRO A 372 24.56 -12.60 5.72
C PRO A 372 25.26 -13.88 6.15
N ILE A 373 26.58 -13.88 5.96
CA ILE A 373 27.43 -15.04 6.29
C ILE A 373 27.33 -15.32 7.78
N PRO A 374 26.96 -16.53 8.19
CA PRO A 374 26.63 -16.77 9.60
C PRO A 374 27.86 -16.87 10.49
N LYS A 375 27.67 -16.48 11.75
CA LYS A 375 28.69 -16.65 12.78
C LYS A 375 28.54 -17.96 13.52
N ALA A 376 27.30 -18.41 13.70
CA ALA A 376 26.98 -19.71 14.27
C ALA A 376 25.87 -20.33 13.43
N PHE A 377 25.56 -21.59 13.71
CA PHE A 377 24.55 -22.28 12.93
C PHE A 377 23.21 -21.59 13.10
N VAL A 378 22.60 -21.22 11.99
CA VAL A 378 21.33 -20.52 11.98
C VAL A 378 20.21 -21.40 11.46
N GLY A 379 20.49 -22.23 10.45
CA GLY A 379 19.49 -23.14 9.90
C GLY A 379 18.45 -22.47 9.02
N ASN A 380 18.84 -21.50 8.19
CA ASN A 380 17.89 -20.80 7.32
C ASN A 380 17.31 -21.72 6.26
N GLN A 381 18.01 -22.80 5.90
CA GLN A 381 17.52 -23.72 4.91
C GLN A 381 16.58 -24.77 5.51
N LEU A 382 16.51 -24.87 6.84
CA LEU A 382 15.65 -25.88 7.46
C LEU A 382 14.18 -25.76 7.07
N PRO A 383 13.56 -24.57 6.99
CA PRO A 383 12.12 -24.55 6.65
C PRO A 383 11.79 -25.09 5.28
N PHE A 384 12.78 -25.24 4.40
CA PHE A 384 12.51 -25.60 3.00
C PHE A 384 12.79 -27.05 2.71
N ILE A 385 13.09 -27.84 3.74
CA ILE A 385 13.33 -29.26 3.54
C ILE A 385 12.03 -29.96 3.20
N GLY A 386 12.05 -30.76 2.14
CA GLY A 386 10.88 -31.48 1.68
C GLY A 386 10.11 -30.81 0.58
N PHE A 387 10.60 -29.67 0.07
CA PHE A 387 9.91 -28.98 -1.01
C PHE A 387 10.07 -29.66 -2.36
N THR A 388 11.21 -30.31 -2.62
CA THR A 388 11.46 -30.91 -3.93
C THR A 388 10.41 -31.96 -4.26
N TYR A 389 9.99 -31.99 -5.53
CA TYR A 389 8.99 -32.96 -5.97
C TYR A 389 9.19 -33.30 -7.45
N TYR A 390 9.24 -34.60 -7.78
CA TYR A 390 9.35 -35.08 -9.16
C TYR A 390 8.14 -35.94 -9.50
N ARG A 391 7.35 -35.48 -10.48
CA ARG A 391 6.19 -36.24 -10.98
C ARG A 391 6.63 -37.58 -11.58
N LYS B 3 -13.98 47.07 -8.01
CA LYS B 3 -14.19 45.90 -7.15
C LYS B 3 -13.47 44.66 -7.67
N LEU B 4 -13.65 44.35 -8.94
CA LEU B 4 -12.90 43.25 -9.52
C LEU B 4 -11.41 43.53 -9.46
N GLU B 5 -11.01 44.79 -9.60
CA GLU B 5 -9.61 45.13 -9.39
C GLU B 5 -9.15 44.79 -7.98
N ALA B 6 -10.08 44.68 -7.02
CA ALA B 6 -9.72 44.29 -5.67
C ALA B 6 -9.47 42.79 -5.56
N LEU B 7 -10.27 41.98 -6.28
CA LEU B 7 -9.98 40.53 -6.33
C LEU B 7 -8.62 40.27 -6.93
N ILE B 8 -8.30 40.95 -8.02
CA ILE B 8 -7.05 40.65 -8.72
C ILE B 8 -5.84 41.01 -7.88
N ARG B 9 -5.95 42.05 -7.04
CA ARG B 9 -4.79 42.53 -6.27
C ARG B 9 -4.58 41.73 -4.99
N ASP B 10 -5.60 41.06 -4.49
CA ASP B 10 -5.46 40.28 -3.27
C ASP B 10 -4.53 39.10 -3.53
N PRO B 11 -3.37 39.00 -2.86
CA PRO B 11 -2.47 37.87 -3.11
C PRO B 11 -3.04 36.53 -2.68
N ARG B 12 -4.19 36.51 -2.02
CA ARG B 12 -4.88 35.28 -1.69
C ARG B 12 -5.92 34.90 -2.73
N SER B 13 -6.28 35.78 -3.64
CA SER B 13 -7.31 35.44 -4.61
C SER B 13 -6.77 34.42 -5.61
N PRO B 14 -7.60 33.47 -6.05
CA PRO B 14 -7.15 32.53 -7.09
C PRO B 14 -6.92 33.20 -8.44
N ILE B 15 -7.31 34.47 -8.61
CA ILE B 15 -7.15 35.14 -9.89
C ILE B 15 -6.22 36.33 -9.80
N ASN B 16 -5.23 36.27 -8.93
CA ASN B 16 -4.28 37.36 -8.95
C ASN B 16 -3.46 37.30 -10.26
N VAL B 17 -2.58 38.29 -10.45
CA VAL B 17 -1.84 38.35 -11.71
C VAL B 17 -0.97 37.12 -11.90
N GLU B 18 -0.21 36.73 -10.87
CA GLU B 18 0.66 35.57 -11.03
C GLU B 18 -0.13 34.35 -11.47
N SER B 19 -1.36 34.21 -10.97
CA SER B 19 -2.12 33.03 -11.32
C SER B 19 -2.67 33.15 -12.72
N LEU B 20 -3.03 34.37 -13.15
CA LEU B 20 -3.42 34.57 -14.54
C LEU B 20 -2.26 34.26 -15.46
N LEU B 21 -1.05 34.65 -15.05
CA LEU B 21 0.14 34.30 -15.82
C LEU B 21 0.36 32.79 -15.86
N ASP B 22 0.16 32.09 -14.73
CA ASP B 22 0.21 30.63 -14.71
C ASP B 22 -0.73 30.05 -15.78
N GLY B 23 -1.95 30.58 -15.87
CA GLY B 23 -2.92 30.05 -16.80
C GLY B 23 -2.48 30.21 -18.24
N LEU B 24 -2.00 31.40 -18.61
CA LEU B 24 -1.50 31.60 -19.96
C LEU B 24 -0.30 30.70 -20.25
N ASN B 25 0.62 30.58 -19.30
CA ASN B 25 1.80 29.75 -19.51
C ASN B 25 1.42 28.29 -19.71
N SER B 26 0.46 27.79 -18.94
CA SER B 26 0.16 26.37 -19.01
C SER B 26 -0.63 26.07 -20.26
N LEU B 27 -1.43 27.03 -20.72
CA LEU B 27 -2.19 26.85 -21.95
C LEU B 27 -1.25 26.74 -23.13
N VAL B 28 -0.20 27.58 -23.18
CA VAL B 28 0.74 27.47 -24.29
C VAL B 28 1.48 26.16 -24.24
N LEU B 29 1.87 25.73 -23.04
CA LEU B 29 2.56 24.46 -22.91
C LEU B 29 1.67 23.32 -23.36
N ASP B 30 0.40 23.34 -22.97
CA ASP B 30 -0.43 22.19 -23.27
C ASP B 30 -0.91 22.15 -24.72
N LEU B 31 -0.65 23.18 -25.52
CA LEU B 31 -1.07 23.18 -26.91
C LEU B 31 0.08 23.00 -27.90
N ASP B 32 1.31 23.33 -27.54
CA ASP B 32 2.43 23.41 -28.48
C ASP B 32 2.96 22.03 -28.79
N PHE B 33 2.25 21.33 -29.69
CA PHE B 33 2.64 20.02 -30.22
C PHE B 33 2.15 19.91 -31.66
N PRO B 34 2.91 19.24 -32.53
CA PRO B 34 2.53 19.21 -33.95
C PRO B 34 1.13 18.65 -34.20
N ALA B 35 0.71 17.65 -33.45
CA ALA B 35 -0.60 17.06 -33.69
C ALA B 35 -1.70 18.09 -33.47
N LEU B 36 -1.65 18.82 -32.35
CA LEU B 36 -2.69 19.79 -32.05
C LEU B 36 -2.58 21.02 -32.92
N ARG B 37 -1.37 21.31 -33.41
CA ARG B 37 -1.15 22.47 -34.27
C ARG B 37 -1.76 22.30 -35.65
N LYS B 38 -2.25 21.10 -35.97
CA LYS B 38 -3.06 20.93 -37.17
C LYS B 38 -4.37 21.70 -37.06
N ASN B 39 -4.83 21.94 -35.83
CA ASN B 39 -5.99 22.82 -35.58
C ASN B 39 -5.60 24.26 -35.88
N LYS B 40 -6.37 24.93 -36.75
CA LYS B 40 -6.04 26.30 -37.13
C LYS B 40 -6.21 27.26 -35.95
N ASN B 41 -7.27 27.07 -35.15
CA ASN B 41 -7.44 27.84 -33.92
C ASN B 41 -6.19 27.77 -33.06
N ILE B 42 -5.73 26.54 -32.78
CA ILE B 42 -4.61 26.35 -31.87
C ILE B 42 -3.35 26.97 -32.46
N ASP B 43 -3.10 26.73 -33.75
CA ASP B 43 -1.87 27.25 -34.33
C ASP B 43 -1.93 28.77 -34.43
N ASN B 44 -3.09 29.32 -34.77
CA ASN B 44 -3.23 30.77 -34.85
C ASN B 44 -2.97 31.40 -33.50
N PHE B 45 -3.51 30.78 -32.44
CA PHE B 45 -3.26 31.28 -31.09
C PHE B 45 -1.78 31.18 -30.73
N LEU B 46 -1.16 30.04 -31.01
CA LEU B 46 0.24 29.85 -30.63
C LEU B 46 1.12 30.89 -31.31
N ASN B 47 0.87 31.15 -32.60
CA ASN B 47 1.67 32.11 -33.34
C ASN B 47 1.62 33.50 -32.69
N ARG B 48 0.43 33.94 -32.25
CA ARG B 48 0.31 35.25 -31.62
C ARG B 48 1.11 35.32 -30.31
N TYR B 49 1.14 34.22 -29.55
CA TYR B 49 1.55 34.31 -28.16
C TYR B 49 2.83 33.58 -27.80
N GLU B 50 3.34 32.69 -28.65
CA GLU B 50 4.43 31.86 -28.18
C GLU B 50 5.67 32.68 -27.85
N LYS B 51 5.94 33.76 -28.61
CA LYS B 51 7.16 34.52 -28.37
C LYS B 51 7.10 35.24 -27.01
N ILE B 52 6.01 35.93 -26.71
CA ILE B 52 5.98 36.67 -25.45
C ILE B 52 5.86 35.73 -24.26
N VAL B 53 5.17 34.58 -24.44
CA VAL B 53 5.08 33.61 -23.35
C VAL B 53 6.45 33.02 -23.02
N LYS B 54 7.27 32.75 -24.04
CA LYS B 54 8.62 32.28 -23.76
C LYS B 54 9.45 33.39 -23.11
N LYS B 55 9.20 34.64 -23.47
CA LYS B 55 9.89 35.75 -22.82
C LYS B 55 9.50 35.84 -21.35
N ILE B 56 8.19 35.77 -21.06
CA ILE B 56 7.72 35.75 -19.69
C ILE B 56 8.39 34.61 -18.90
N ARG B 57 8.50 33.44 -19.52
CA ARG B 57 9.06 32.28 -18.83
C ARG B 57 10.48 32.54 -18.33
N GLY B 58 11.23 33.37 -19.05
CA GLY B 58 12.61 33.60 -18.68
C GLY B 58 12.76 34.32 -17.35
N LEU B 59 11.77 35.11 -16.96
CA LEU B 59 11.83 35.88 -15.72
C LEU B 59 11.37 35.10 -14.49
N GLN B 60 10.82 33.90 -14.66
CA GLN B 60 10.32 33.16 -13.50
C GLN B 60 11.47 32.56 -12.70
N MET B 61 11.30 32.52 -11.38
CA MET B 61 12.22 31.78 -10.53
C MET B 61 12.31 30.34 -11.02
N LYS B 62 13.52 29.78 -10.97
CA LYS B 62 13.80 28.46 -11.54
C LYS B 62 14.68 27.66 -10.58
N ALA B 63 14.76 26.35 -10.84
CA ALA B 63 15.55 25.48 -9.97
C ALA B 63 17.03 25.84 -10.04
N GLU B 64 17.52 26.23 -11.21
CA GLU B 64 18.93 26.59 -11.38
C GLU B 64 19.32 27.80 -10.53
N ASP B 65 18.36 28.51 -9.93
CA ASP B 65 18.72 29.58 -9.01
C ASP B 65 19.25 29.08 -7.68
N TYR B 66 19.24 27.77 -7.42
CA TYR B 66 19.68 27.26 -6.11
C TYR B 66 20.74 26.17 -6.29
N ASP B 67 21.73 26.17 -5.38
CA ASP B 67 22.59 25.01 -5.18
C ASP B 67 21.89 24.00 -4.28
N VAL B 68 21.89 22.73 -4.68
CA VAL B 68 21.37 21.66 -3.84
C VAL B 68 22.51 21.19 -2.93
N VAL B 69 22.37 21.43 -1.64
CA VAL B 69 23.40 21.05 -0.68
C VAL B 69 23.28 19.58 -0.27
N LYS B 70 22.05 19.11 0.00
CA LYS B 70 21.82 17.76 0.53
C LYS B 70 20.32 17.48 0.56
N VAL B 71 19.96 16.22 0.34
CA VAL B 71 18.58 15.78 0.47
C VAL B 71 18.33 15.44 1.93
N ILE B 72 17.29 16.05 2.51
CA ILE B 72 17.01 15.87 3.93
C ILE B 72 15.61 15.33 4.20
N GLY B 73 14.82 15.06 3.17
CA GLY B 73 13.50 14.48 3.37
C GLY B 73 12.91 13.93 2.07
N ARG B 74 12.05 12.93 2.21
CA ARG B 74 11.43 12.28 1.06
C ARG B 74 10.00 11.97 1.39
N GLY B 75 9.20 11.84 0.33
CA GLY B 75 7.80 11.53 0.46
C GLY B 75 7.30 10.86 -0.80
N ALA B 76 6.01 10.55 -0.80
CA ALA B 76 5.43 9.78 -1.89
C ALA B 76 5.66 10.44 -3.25
N PHE B 77 5.58 11.77 -3.32
CA PHE B 77 5.60 12.44 -4.61
C PHE B 77 6.81 13.35 -4.83
N GLY B 78 7.80 13.33 -3.93
CA GLY B 78 9.01 14.11 -4.14
C GLY B 78 9.93 14.08 -2.91
N GLU B 79 10.65 15.18 -2.71
CA GLU B 79 11.65 15.22 -1.66
C GLU B 79 11.84 16.66 -1.21
N VAL B 80 12.52 16.80 -0.06
CA VAL B 80 12.86 18.10 0.51
C VAL B 80 14.38 18.22 0.51
N GLN B 81 14.90 19.31 -0.05
CA GLN B 81 16.33 19.53 -0.18
C GLN B 81 16.74 20.76 0.60
N LEU B 82 17.86 20.66 1.28
CA LEU B 82 18.52 21.82 1.83
C LEU B 82 19.26 22.52 0.69
N VAL B 83 18.92 23.78 0.44
CA VAL B 83 19.49 24.49 -0.70
C VAL B 83 20.04 25.83 -0.28
N ARG B 84 20.86 26.39 -1.15
CA ARG B 84 21.40 27.72 -0.99
C ARG B 84 21.10 28.52 -2.25
N HIS B 85 20.46 29.67 -2.08
CA HIS B 85 20.19 30.56 -3.21
C HIS B 85 21.51 31.13 -3.73
N LYS B 86 21.79 30.95 -5.03
CA LYS B 86 23.12 31.26 -5.55
C LYS B 86 23.45 32.74 -5.36
N ALA B 87 22.61 33.61 -5.90
CA ALA B 87 22.88 35.05 -5.85
C ALA B 87 22.97 35.59 -4.41
N SER B 88 22.04 35.18 -3.52
CA SER B 88 21.97 35.78 -2.19
C SER B 88 22.72 35.00 -1.13
N GLN B 89 23.02 33.72 -1.39
CA GLN B 89 23.71 32.80 -0.50
C GLN B 89 22.93 32.47 0.77
N LYS B 90 21.63 32.77 0.83
CA LYS B 90 20.89 32.33 2.01
C LYS B 90 20.42 30.88 1.86
N VAL B 91 20.14 30.27 3.01
CA VAL B 91 19.85 28.85 3.13
C VAL B 91 18.37 28.66 3.41
N TYR B 92 17.73 27.73 2.70
CA TYR B 92 16.33 27.42 2.85
C TYR B 92 16.14 25.91 2.78
N ALA B 93 14.90 25.48 3.04
CA ALA B 93 14.42 24.14 2.74
C ALA B 93 13.48 24.22 1.54
N MET B 94 13.65 23.34 0.56
CA MET B 94 12.85 23.37 -0.65
C MET B 94 12.17 22.01 -0.88
N LYS B 95 10.85 22.01 -0.92
CA LYS B 95 10.07 20.80 -1.17
C LYS B 95 9.71 20.74 -2.65
N LEU B 96 9.94 19.59 -3.30
CA LEU B 96 9.63 19.38 -4.71
C LEU B 96 8.53 18.34 -4.88
N LEU B 97 7.61 18.59 -5.81
CA LEU B 97 6.54 17.65 -6.13
C LEU B 97 6.56 17.29 -7.61
N SER B 98 6.61 16.00 -7.91
CA SER B 98 6.69 15.53 -9.28
C SER B 98 5.34 15.64 -9.97
N LYS B 99 5.29 16.38 -11.08
CA LYS B 99 4.03 16.52 -11.81
C LYS B 99 3.65 15.21 -12.49
N PHE B 100 4.64 14.54 -13.10
CA PHE B 100 4.38 13.24 -13.71
C PHE B 100 3.80 12.27 -12.69
N GLU B 101 4.36 12.23 -11.48
CA GLU B 101 3.90 11.28 -10.47
C GLU B 101 2.50 11.60 -9.99
N MET B 102 2.22 12.87 -9.71
CA MET B 102 0.90 13.24 -9.18
C MET B 102 -0.19 12.96 -10.20
N ILE B 103 0.10 13.18 -11.48
CA ILE B 103 -0.84 12.84 -12.55
C ILE B 103 -0.99 11.32 -12.64
N LYS B 104 0.14 10.62 -12.61
CA LYS B 104 0.13 9.15 -12.73
C LYS B 104 -0.71 8.47 -11.65
N ARG B 105 -0.86 9.09 -10.48
CA ARG B 105 -1.62 8.42 -9.42
C ARG B 105 -2.91 9.18 -9.09
N SER B 106 -3.42 9.97 -10.04
CA SER B 106 -4.61 10.84 -9.90
C SER B 106 -4.65 11.54 -8.54
N ASP B 107 -3.51 12.11 -8.07
CA ASP B 107 -3.45 12.78 -6.77
C ASP B 107 -2.73 14.11 -7.04
N SER B 108 -3.47 15.09 -7.58
CA SER B 108 -2.88 16.34 -8.03
C SER B 108 -3.49 17.57 -7.35
N ALA B 109 -4.13 17.40 -6.18
CA ALA B 109 -4.80 18.52 -5.55
C ALA B 109 -4.67 18.55 -4.01
N PHE B 110 -3.75 17.76 -3.42
CA PHE B 110 -3.60 17.70 -1.97
C PHE B 110 -2.79 18.87 -1.38
N PHE B 111 -2.05 19.61 -2.22
CA PHE B 111 -1.07 20.59 -1.76
C PHE B 111 -1.64 21.99 -1.53
N TRP B 112 -2.90 22.26 -1.88
CA TRP B 112 -3.39 23.63 -1.82
C TRP B 112 -3.45 24.16 -0.38
N GLU B 113 -3.99 23.36 0.55
CA GLU B 113 -4.07 23.88 1.90
C GLU B 113 -2.68 24.03 2.52
N GLU B 114 -1.73 23.18 2.14
CA GLU B 114 -0.35 23.36 2.62
C GLU B 114 0.22 24.68 2.13
N ARG B 115 0.03 25.00 0.84
CA ARG B 115 0.56 26.26 0.34
C ARG B 115 -0.09 27.46 1.04
N ASP B 116 -1.40 27.42 1.26
CA ASP B 116 -2.08 28.58 1.81
C ASP B 116 -1.73 28.79 3.28
N ILE B 117 -1.62 27.70 4.05
CA ILE B 117 -1.24 27.82 5.46
C ILE B 117 0.17 28.40 5.59
N MET B 118 1.15 27.81 4.90
CA MET B 118 2.51 28.30 5.05
C MET B 118 2.68 29.70 4.46
N ALA B 119 1.90 30.04 3.45
CA ALA B 119 2.05 31.38 2.91
C ALA B 119 1.40 32.43 3.80
N PHE B 120 0.24 32.12 4.42
CA PHE B 120 -0.62 33.14 5.02
C PHE B 120 -0.95 32.99 6.50
N ALA B 121 -0.61 31.89 7.15
CA ALA B 121 -1.02 31.74 8.55
C ALA B 121 -0.38 32.81 9.43
N ASN B 122 0.87 33.16 9.17
CA ASN B 122 1.58 34.17 9.96
C ASN B 122 1.51 33.86 11.45
N SER B 123 1.86 32.62 11.80
CA SER B 123 1.75 32.13 13.15
C SER B 123 3.10 31.59 13.61
N PRO B 124 3.49 31.88 14.85
CA PRO B 124 4.73 31.27 15.38
C PRO B 124 4.70 29.75 15.35
N TRP B 125 3.53 29.15 15.21
CA TRP B 125 3.38 27.71 15.19
C TRP B 125 3.43 27.07 13.80
N VAL B 126 3.55 27.83 12.71
CA VAL B 126 3.48 27.27 11.36
C VAL B 126 4.72 27.65 10.56
N VAL B 127 5.36 26.65 9.94
CA VAL B 127 6.51 26.92 9.06
C VAL B 127 6.11 27.89 7.96
N GLN B 128 6.97 28.86 7.71
CA GLN B 128 6.66 29.95 6.80
C GLN B 128 7.10 29.65 5.36
N LEU B 129 6.27 30.05 4.41
CA LEU B 129 6.59 29.88 3.00
C LEU B 129 7.02 31.22 2.39
N PHE B 130 8.16 31.23 1.69
CA PHE B 130 8.65 32.42 0.99
C PHE B 130 8.36 32.42 -0.50
N TYR B 131 8.51 31.28 -1.17
CA TYR B 131 8.24 31.22 -2.60
C TYR B 131 7.61 29.89 -2.97
N ALA B 132 6.69 29.95 -3.94
CA ALA B 132 6.20 28.78 -4.66
C ALA B 132 6.33 29.06 -6.15
N PHE B 133 6.96 28.16 -6.87
CA PHE B 133 7.08 28.31 -8.31
C PHE B 133 7.05 26.91 -8.92
N GLN B 134 7.05 26.86 -10.24
CA GLN B 134 6.91 25.60 -10.93
C GLN B 134 7.61 25.70 -12.27
N ASP B 135 7.98 24.55 -12.82
CA ASP B 135 8.25 24.41 -14.24
C ASP B 135 7.41 23.26 -14.77
N ASP B 136 7.70 22.83 -16.00
CA ASP B 136 6.83 21.84 -16.63
C ASP B 136 6.91 20.48 -15.96
N ARG B 137 7.86 20.28 -15.05
CA ARG B 137 8.03 19.00 -14.37
C ARG B 137 7.68 19.01 -12.89
N TYR B 138 7.94 20.10 -12.17
CA TYR B 138 7.87 20.08 -10.71
C TYR B 138 7.15 21.29 -10.13
N LEU B 139 6.64 21.11 -8.91
CA LEU B 139 6.31 22.21 -8.03
C LEU B 139 7.46 22.42 -7.03
N TYR B 140 7.66 23.68 -6.62
CA TYR B 140 8.71 24.02 -5.67
C TYR B 140 8.16 24.90 -4.56
N MET B 141 8.46 24.55 -3.30
CA MET B 141 8.08 25.37 -2.15
C MET B 141 9.35 25.69 -1.37
N VAL B 142 9.72 26.96 -1.34
CA VAL B 142 10.93 27.44 -0.68
C VAL B 142 10.51 27.95 0.69
N MET B 143 10.99 27.28 1.75
CA MET B 143 10.57 27.48 3.13
C MET B 143 11.73 27.83 4.05
N GLU B 144 11.35 28.44 5.16
CA GLU B 144 12.18 28.59 6.33
C GLU B 144 12.72 27.21 6.78
N TYR B 145 14.04 27.11 6.91
CA TYR B 145 14.67 25.86 7.32
C TYR B 145 14.60 25.66 8.83
N MET B 146 14.17 24.47 9.26
CA MET B 146 14.11 24.16 10.69
C MET B 146 15.24 23.21 11.08
N PRO B 147 16.40 23.71 11.50
CA PRO B 147 17.57 22.83 11.70
C PRO B 147 17.48 21.96 12.95
N GLY B 148 16.45 22.11 13.78
CA GLY B 148 16.35 21.27 14.95
C GLY B 148 15.94 19.83 14.67
N GLY B 149 15.46 19.52 13.46
CA GLY B 149 14.91 18.21 13.17
C GLY B 149 13.47 18.03 13.66
N ASP B 150 12.95 16.80 13.52
CA ASP B 150 11.59 16.49 13.90
C ASP B 150 11.54 15.69 15.21
N LEU B 151 10.33 15.37 15.66
CA LEU B 151 10.21 14.71 16.95
C LEU B 151 10.36 13.20 16.91
N VAL B 152 10.38 12.60 15.71
CA VAL B 152 10.80 11.20 15.58
C VAL B 152 12.26 11.09 15.96
N ASN B 153 13.08 12.00 15.43
CA ASN B 153 14.51 12.00 15.69
C ASN B 153 14.80 12.30 17.16
N LEU B 154 14.01 13.15 17.79
CA LEU B 154 14.27 13.45 19.20
C LEU B 154 13.98 12.24 20.08
N MET B 155 12.82 11.59 19.86
CA MET B 155 12.47 10.42 20.67
C MET B 155 13.45 9.29 20.44
N SER B 156 13.99 9.19 19.21
CA SER B 156 14.99 8.20 18.88
C SER B 156 16.33 8.46 19.55
N ASN B 157 16.53 9.64 20.15
CA ASN B 157 17.81 10.00 20.74
C ASN B 157 17.75 10.32 22.23
N TYR B 158 16.56 10.39 22.83
CA TYR B 158 16.44 10.64 24.27
C TYR B 158 15.32 9.77 24.83
N ASP B 159 15.42 9.49 26.13
CA ASP B 159 14.31 8.95 26.91
C ASP B 159 13.57 10.14 27.49
N VAL B 160 12.35 10.37 27.04
CA VAL B 160 11.68 11.63 27.33
C VAL B 160 11.08 11.62 28.73
N PRO B 161 11.60 12.43 29.65
CA PRO B 161 10.98 12.56 30.97
C PRO B 161 9.66 13.29 30.88
N GLU B 162 8.83 13.10 31.92
CA GLU B 162 7.52 13.70 31.94
C GLU B 162 7.58 15.23 31.82
N LYS B 163 8.67 15.84 32.31
CA LYS B 163 8.80 17.29 32.23
C LYS B 163 8.88 17.77 30.78
N TRP B 164 9.71 17.11 29.97
CA TRP B 164 9.75 17.46 28.55
C TRP B 164 8.40 17.20 27.91
N ALA B 165 7.79 16.04 28.21
CA ALA B 165 6.54 15.66 27.59
C ALA B 165 5.45 16.71 27.78
N LYS B 166 5.41 17.37 28.96
CA LYS B 166 4.41 18.40 29.14
C LYS B 166 4.67 19.58 28.20
N PHE B 167 5.94 19.97 28.03
CA PHE B 167 6.26 21.10 27.18
C PHE B 167 5.82 20.84 25.75
N TYR B 168 6.28 19.71 25.17
CA TYR B 168 5.97 19.42 23.78
C TYR B 168 4.49 19.16 23.58
N THR B 169 3.80 18.60 24.58
CA THR B 169 2.35 18.45 24.43
C THR B 169 1.63 19.79 24.44
N ALA B 170 2.00 20.69 25.36
CA ALA B 170 1.39 22.02 25.38
C ALA B 170 1.60 22.76 24.05
N GLU B 171 2.84 22.75 23.53
CA GLU B 171 3.10 23.45 22.27
C GLU B 171 2.27 22.86 21.13
N VAL B 172 2.18 21.52 21.06
CA VAL B 172 1.40 20.92 20.00
C VAL B 172 -0.08 21.33 20.14
N VAL B 173 -0.58 21.42 21.37
CA VAL B 173 -1.96 21.81 21.60
C VAL B 173 -2.20 23.24 21.11
N LEU B 174 -1.27 24.15 21.43
CA LEU B 174 -1.43 25.53 20.99
C LEU B 174 -1.37 25.61 19.48
N ALA B 175 -0.48 24.84 18.85
CA ALA B 175 -0.38 24.89 17.40
C ALA B 175 -1.67 24.38 16.75
N LEU B 176 -2.23 23.27 17.25
CA LEU B 176 -3.46 22.77 16.65
C LEU B 176 -4.59 23.77 16.82
N ASP B 177 -4.68 24.40 18.00
CA ASP B 177 -5.69 25.43 18.23
C ASP B 177 -5.50 26.59 17.27
N ALA B 178 -4.26 26.97 16.98
CA ALA B 178 -4.02 28.00 15.98
C ALA B 178 -4.52 27.57 14.61
N ILE B 179 -4.18 26.33 14.20
CA ILE B 179 -4.67 25.80 12.94
C ILE B 179 -6.19 25.66 12.96
N HIS B 180 -6.74 25.22 14.09
CA HIS B 180 -8.20 25.13 14.17
C HIS B 180 -8.84 26.49 13.94
N SER B 181 -8.20 27.55 14.43
CA SER B 181 -8.78 28.87 14.34
C SER B 181 -8.69 29.47 12.95
N MET B 182 -7.88 28.91 12.07
CA MET B 182 -7.92 29.28 10.66
C MET B 182 -8.96 28.49 9.87
N GLY B 183 -9.74 27.65 10.51
CA GLY B 183 -10.75 26.89 9.81
C GLY B 183 -10.32 25.52 9.34
N LEU B 184 -9.19 25.00 9.82
CA LEU B 184 -8.67 23.74 9.31
C LEU B 184 -8.64 22.67 10.40
N ILE B 185 -8.88 21.44 9.98
CA ILE B 185 -8.65 20.25 10.79
C ILE B 185 -7.46 19.51 10.18
N HIS B 186 -6.54 19.08 11.03
CA HIS B 186 -5.33 18.43 10.52
C HIS B 186 -5.60 16.99 10.09
N ARG B 187 -6.10 16.17 11.02
CA ARG B 187 -6.46 14.76 10.95
C ARG B 187 -5.29 13.79 11.08
N ASP B 188 -4.04 14.22 10.95
CA ASP B 188 -2.92 13.29 11.04
C ASP B 188 -1.67 13.95 11.64
N VAL B 189 -1.83 14.62 12.79
CA VAL B 189 -0.68 15.16 13.50
C VAL B 189 0.18 14.02 14.03
N LYS B 190 1.47 14.06 13.72
CA LYS B 190 2.38 13.03 14.19
C LYS B 190 3.78 13.62 14.32
N PRO B 191 4.68 12.93 15.02
CA PRO B 191 6.01 13.51 15.27
C PRO B 191 6.77 13.96 14.04
N ASP B 192 6.59 13.33 12.87
CA ASP B 192 7.28 13.84 11.69
C ASP B 192 6.64 15.09 11.10
N ASN B 193 5.51 15.54 11.63
CA ASN B 193 4.94 16.85 11.29
C ASN B 193 5.41 17.93 12.23
N MET B 194 6.18 17.56 13.23
CA MET B 194 6.58 18.44 14.31
C MET B 194 8.05 18.78 14.13
N LEU B 195 8.33 19.98 13.67
CA LEU B 195 9.71 20.40 13.48
C LEU B 195 10.14 21.34 14.59
N LEU B 196 11.44 21.37 14.84
CA LEU B 196 12.05 22.20 15.88
C LEU B 196 12.92 23.27 15.23
N ASP B 197 12.79 24.51 15.72
CA ASP B 197 13.56 25.60 15.14
C ASP B 197 14.92 25.71 15.84
N LYS B 198 15.69 26.74 15.46
CA LYS B 198 17.03 26.88 16.00
C LYS B 198 17.03 27.03 17.53
N HIS B 199 15.90 27.37 18.14
CA HIS B 199 15.81 27.47 19.58
C HIS B 199 15.11 26.28 20.22
N GLY B 200 14.77 25.26 19.44
CA GLY B 200 14.12 24.09 19.98
C GLY B 200 12.61 24.18 20.17
N HIS B 201 11.97 25.22 19.65
CA HIS B 201 10.52 25.36 19.79
C HIS B 201 9.81 24.81 18.57
N LEU B 202 8.53 24.44 18.77
CA LEU B 202 7.81 23.62 17.80
C LEU B 202 7.27 24.46 16.67
N LYS B 203 7.29 23.89 15.47
CA LYS B 203 6.50 24.40 14.36
C LYS B 203 5.95 23.20 13.61
N LEU B 204 4.73 23.32 13.11
CA LEU B 204 4.10 22.29 12.30
C LEU B 204 4.45 22.47 10.81
N ALA B 205 4.50 21.35 10.09
CA ALA B 205 4.80 21.37 8.68
C ALA B 205 4.04 20.22 8.03
N ASP B 206 4.16 20.08 6.70
CA ASP B 206 3.50 19.01 5.96
C ASP B 206 2.01 19.01 6.25
N PHE B 207 1.24 19.81 5.53
CA PHE B 207 -0.19 19.85 5.80
C PHE B 207 -0.98 19.04 4.76
N GLY B 208 -0.41 17.90 4.35
CA GLY B 208 -0.98 17.14 3.25
C GLY B 208 -2.40 16.66 3.48
N THR B 209 -2.79 16.38 4.72
CA THR B 209 -4.12 15.86 5.01
C THR B 209 -5.08 16.90 5.57
N CYS B 210 -4.74 18.20 5.51
CA CYS B 210 -5.63 19.16 6.15
C CYS B 210 -6.83 19.49 5.28
N MET B 211 -7.89 19.96 5.93
CA MET B 211 -9.14 20.20 5.23
C MET B 211 -9.82 21.41 5.85
N LYS B 212 -10.50 22.18 5.00
CA LYS B 212 -11.28 23.31 5.46
C LYS B 212 -12.59 22.82 6.04
N MET B 213 -13.06 23.45 7.11
CA MET B 213 -14.27 22.98 7.80
C MET B 213 -15.50 23.45 7.04
N THR B 223 -11.36 12.50 1.39
CA THR B 223 -9.95 12.79 1.08
C THR B 223 -8.99 11.82 1.79
N ALA B 224 -8.07 11.25 1.00
CA ALA B 224 -7.27 10.11 1.41
C ALA B 224 -6.22 10.41 2.48
N VAL B 225 -6.00 9.42 3.34
CA VAL B 225 -5.01 9.41 4.40
C VAL B 225 -4.14 8.19 4.16
N GLY B 226 -2.97 8.19 4.79
CA GLY B 226 -2.01 7.09 4.70
C GLY B 226 -2.07 6.13 5.87
N THR B 227 -0.91 5.86 6.47
CA THR B 227 -0.83 4.91 7.57
C THR B 227 -1.67 5.42 8.76
N PRO B 228 -2.46 4.52 9.38
CA PRO B 228 -3.44 4.93 10.39
C PRO B 228 -2.93 5.22 11.79
N ASP B 229 -1.65 4.99 12.10
CA ASP B 229 -1.20 4.89 13.50
C ASP B 229 -1.67 6.05 14.39
N TYR B 230 -1.71 7.26 13.85
CA TYR B 230 -2.02 8.43 14.66
C TYR B 230 -3.45 8.95 14.41
N ILE B 231 -4.21 8.28 13.57
CA ILE B 231 -5.51 8.77 13.15
C ILE B 231 -6.61 8.26 14.10
N SER B 232 -7.59 9.13 14.36
CA SER B 232 -8.68 8.82 15.27
C SER B 232 -9.67 7.84 14.63
N PRO B 233 -10.44 7.13 15.47
CA PRO B 233 -11.44 6.18 14.93
C PRO B 233 -12.43 6.82 13.96
N GLU B 234 -12.98 8.00 14.34
CA GLU B 234 -14.05 8.62 13.56
C GLU B 234 -13.56 9.03 12.19
N VAL B 235 -12.32 9.50 12.09
CA VAL B 235 -11.75 9.82 10.78
C VAL B 235 -11.54 8.54 9.99
N LEU B 236 -11.04 7.49 10.65
CA LEU B 236 -10.86 6.20 9.98
C LEU B 236 -12.18 5.69 9.41
N LYS B 237 -13.25 5.72 10.22
CA LYS B 237 -14.55 5.27 9.71
C LYS B 237 -15.02 6.12 8.55
N SER B 238 -14.70 7.42 8.58
CA SER B 238 -15.27 8.33 7.61
C SER B 238 -14.57 8.27 6.25
N GLN B 239 -13.40 7.61 6.15
CA GLN B 239 -12.80 7.39 4.84
C GLN B 239 -13.66 6.50 3.96
N GLY B 240 -14.36 5.53 4.55
CA GLY B 240 -15.30 4.71 3.82
C GLY B 240 -16.73 5.23 3.73
N GLY B 241 -16.92 6.52 3.98
CA GLY B 241 -18.27 7.05 4.08
C GLY B 241 -18.60 7.06 5.56
N ASP B 242 -19.68 6.39 5.98
CA ASP B 242 -19.95 6.13 7.39
C ASP B 242 -20.02 7.38 8.29
N GLY B 243 -18.94 7.68 9.01
CA GLY B 243 -18.95 8.78 9.97
C GLY B 243 -18.69 10.18 9.43
N PHE B 244 -18.75 11.12 10.37
CA PHE B 244 -18.33 12.52 10.21
C PHE B 244 -17.46 12.85 11.41
N TYR B 245 -16.66 13.91 11.32
CA TYR B 245 -15.74 14.17 12.43
C TYR B 245 -15.59 15.67 12.65
N GLY B 246 -15.06 16.02 13.83
CA GLY B 246 -14.79 17.39 14.20
C GLY B 246 -13.33 17.62 14.57
N ARG B 247 -13.03 18.89 14.87
CA ARG B 247 -11.68 19.27 15.25
C ARG B 247 -11.14 18.43 16.41
N GLU B 248 -12.01 17.82 17.22
CA GLU B 248 -11.56 17.01 18.35
C GLU B 248 -10.85 15.73 17.92
N CYS B 249 -10.93 15.36 16.63
CA CYS B 249 -10.12 14.24 16.17
C CYS B 249 -8.64 14.54 16.30
N ASP B 250 -8.27 15.83 16.28
CA ASP B 250 -6.88 16.19 16.46
C ASP B 250 -6.39 15.92 17.90
N TRP B 251 -7.28 16.01 18.90
CA TRP B 251 -6.87 15.73 20.29
C TRP B 251 -6.58 14.23 20.49
N TRP B 252 -7.29 13.37 19.76
CA TRP B 252 -6.94 11.96 19.76
C TRP B 252 -5.47 11.77 19.40
N SER B 253 -4.99 12.54 18.43
CA SER B 253 -3.61 12.33 18.01
C SER B 253 -2.64 12.85 19.05
N VAL B 254 -3.07 13.83 19.84
CA VAL B 254 -2.22 14.26 20.96
C VAL B 254 -2.04 13.11 21.94
N GLY B 255 -3.12 12.37 22.21
CA GLY B 255 -3.03 11.23 23.10
C GLY B 255 -2.04 10.19 22.61
N VAL B 256 -2.11 9.87 21.31
CA VAL B 256 -1.16 8.92 20.75
C VAL B 256 0.26 9.42 20.93
N PHE B 257 0.50 10.69 20.60
CA PHE B 257 1.83 11.28 20.73
C PHE B 257 2.30 11.30 22.18
N LEU B 258 1.44 11.69 23.11
CA LEU B 258 1.87 11.73 24.51
C LEU B 258 2.21 10.32 25.00
N TYR B 259 1.37 9.35 24.68
CA TYR B 259 1.66 7.94 24.96
C TYR B 259 3.01 7.52 24.40
N GLU B 260 3.30 7.83 23.13
CA GLU B 260 4.55 7.34 22.52
C GLU B 260 5.78 7.92 23.22
N MET B 261 5.70 9.16 23.69
CA MET B 261 6.86 9.76 24.36
C MET B 261 7.15 9.07 25.69
N LEU B 262 6.11 8.76 26.47
CA LEU B 262 6.31 8.20 27.80
C LEU B 262 6.51 6.69 27.79
N VAL B 263 6.02 5.99 26.77
CA VAL B 263 6.04 4.55 26.73
C VAL B 263 7.07 3.98 25.76
N GLY B 264 7.36 4.68 24.66
CA GLY B 264 8.34 4.24 23.68
C GLY B 264 7.78 3.64 22.40
N ASP B 265 6.53 3.18 22.40
CA ASP B 265 5.87 2.74 21.17
C ASP B 265 4.49 3.38 21.07
N THR B 266 3.94 3.32 19.87
CA THR B 266 2.58 3.81 19.65
C THR B 266 1.56 2.86 20.30
N PRO B 267 0.48 3.39 20.89
CA PRO B 267 -0.45 2.53 21.65
C PRO B 267 -1.21 1.51 20.83
N PHE B 268 -1.22 1.58 19.51
CA PHE B 268 -1.95 0.60 18.71
C PHE B 268 -1.04 -0.01 17.65
N TYR B 269 0.23 -0.17 17.97
CA TYR B 269 1.16 -0.75 17.02
C TYR B 269 0.77 -2.19 16.71
N ALA B 270 0.94 -2.58 15.45
CA ALA B 270 0.76 -3.95 14.99
C ALA B 270 1.71 -4.17 13.82
N ASP B 271 1.95 -5.44 13.50
CA ASP B 271 2.89 -5.70 12.42
C ASP B 271 2.31 -5.46 11.02
N SER B 272 0.98 -5.37 10.87
CA SER B 272 0.37 -5.06 9.58
C SER B 272 -0.47 -3.80 9.68
N LEU B 273 -0.68 -3.13 8.55
CA LEU B 273 -1.58 -1.98 8.53
C LEU B 273 -2.98 -2.34 9.02
N VAL B 274 -3.57 -3.41 8.48
CA VAL B 274 -4.92 -3.79 8.90
C VAL B 274 -4.95 -4.17 10.38
N GLY B 275 -3.85 -4.71 10.90
CA GLY B 275 -3.78 -4.96 12.33
C GLY B 275 -3.85 -3.69 13.15
N THR B 276 -3.13 -2.65 12.72
CA THR B 276 -3.22 -1.35 13.38
C THR B 276 -4.64 -0.80 13.32
N TYR B 277 -5.22 -0.83 12.12
CA TYR B 277 -6.60 -0.41 11.92
C TYR B 277 -7.54 -1.13 12.86
N SER B 278 -7.37 -2.45 13.02
CA SER B 278 -8.32 -3.16 13.85
C SER B 278 -8.17 -2.74 15.31
N LYS B 279 -6.94 -2.63 15.80
CA LYS B 279 -6.71 -2.22 17.19
C LYS B 279 -7.28 -0.83 17.47
N ILE B 280 -7.07 0.13 16.57
CA ILE B 280 -7.58 1.48 16.80
C ILE B 280 -9.10 1.46 16.95
N MET B 281 -9.80 0.72 16.10
CA MET B 281 -11.25 0.62 16.28
C MET B 281 -11.59 -0.01 17.62
N ASP B 282 -10.85 -1.05 18.03
CA ASP B 282 -11.12 -1.77 19.27
C ASP B 282 -10.46 -1.10 20.47
N HIS B 283 -10.33 0.22 20.46
CA HIS B 283 -9.46 0.87 21.44
C HIS B 283 -9.94 0.61 22.87
N LYS B 284 -11.27 0.60 23.07
CA LYS B 284 -11.82 0.36 24.40
C LYS B 284 -11.32 -0.93 25.03
N ASN B 285 -10.93 -1.92 24.23
CA ASN B 285 -10.35 -3.15 24.74
C ASN B 285 -8.85 -3.29 24.49
N SER B 286 -8.27 -2.51 23.57
CA SER B 286 -6.89 -2.69 23.13
C SER B 286 -5.88 -1.72 23.74
N LEU B 287 -6.34 -0.62 24.34
CA LEU B 287 -5.43 0.33 24.98
C LEU B 287 -4.88 -0.23 26.29
N CYS B 288 -3.59 -0.51 26.33
CA CYS B 288 -2.99 -1.27 27.44
C CYS B 288 -1.63 -0.70 27.80
N PHE B 289 -1.44 -0.32 29.08
CA PHE B 289 -0.11 0.16 29.46
C PHE B 289 0.80 -0.99 29.90
N PRO B 290 2.06 -0.99 29.46
CA PRO B 290 2.98 -2.07 29.87
C PRO B 290 3.17 -2.12 31.38
N GLU B 291 3.45 -3.33 31.88
CA GLU B 291 3.56 -3.54 33.32
C GLU B 291 4.70 -2.74 33.92
N ASP B 292 5.78 -2.58 33.16
CA ASP B 292 7.01 -1.90 33.60
C ASP B 292 7.02 -0.42 33.25
N ALA B 293 5.85 0.21 33.17
CA ALA B 293 5.73 1.55 32.57
C ALA B 293 6.36 2.64 33.44
N GLU B 294 5.93 2.75 34.70
CA GLU B 294 6.31 3.86 35.57
C GLU B 294 5.87 5.19 34.93
N ILE B 295 4.55 5.34 34.85
CA ILE B 295 3.90 6.53 34.33
C ILE B 295 3.14 7.18 35.47
N SER B 296 3.25 8.49 35.59
CA SER B 296 2.59 9.17 36.70
C SER B 296 1.08 8.97 36.59
N LYS B 297 0.39 9.11 37.73
CA LYS B 297 -1.05 8.93 37.69
C LYS B 297 -1.71 10.00 36.83
N HIS B 298 -1.14 11.20 36.79
CA HIS B 298 -1.74 12.26 35.98
C HIS B 298 -1.52 12.02 34.50
N ALA B 299 -0.29 11.63 34.12
CA ALA B 299 0.00 11.40 32.72
C ALA B 299 -0.89 10.29 32.18
N LYS B 300 -1.01 9.19 32.93
CA LYS B 300 -1.89 8.12 32.50
C LYS B 300 -3.33 8.58 32.46
N ASN B 301 -3.72 9.50 33.33
CA ASN B 301 -5.11 9.95 33.29
C ASN B 301 -5.40 10.76 32.03
N LEU B 302 -4.49 11.66 31.65
CA LEU B 302 -4.70 12.52 30.48
C LEU B 302 -4.67 11.71 29.19
N ILE B 303 -3.71 10.76 29.07
CA ILE B 303 -3.69 9.88 27.91
C ILE B 303 -5.03 9.20 27.73
N CYS B 304 -5.60 8.68 28.82
CA CYS B 304 -6.88 8.01 28.64
C CYS B 304 -8.03 8.97 28.50
N ALA B 305 -7.85 10.26 28.79
CA ALA B 305 -8.92 11.19 28.49
C ALA B 305 -8.96 11.55 27.01
N PHE B 306 -7.81 11.49 26.33
CA PHE B 306 -7.76 11.76 24.89
C PHE B 306 -8.19 10.53 24.10
N LEU B 307 -7.75 9.35 24.53
CA LEU B 307 -7.97 8.12 23.78
C LEU B 307 -9.30 7.45 24.15
N THR B 308 -10.38 8.19 23.92
CA THR B 308 -11.74 7.73 24.13
C THR B 308 -12.57 8.14 22.92
N ASP B 309 -13.84 7.76 22.95
CA ASP B 309 -14.75 8.19 21.90
C ASP B 309 -14.93 9.69 21.94
N ARG B 310 -15.17 10.26 20.76
CA ARG B 310 -15.19 11.71 20.62
C ARG B 310 -16.16 12.36 21.59
N GLU B 311 -17.35 11.76 21.77
CA GLU B 311 -18.38 12.39 22.59
C GLU B 311 -17.96 12.54 24.04
N VAL B 312 -16.99 11.75 24.49
CA VAL B 312 -16.49 11.76 25.86
C VAL B 312 -15.07 12.31 25.95
N ARG B 313 -14.48 12.68 24.82
CA ARG B 313 -13.04 12.97 24.75
C ARG B 313 -12.74 14.33 25.38
N LEU B 314 -11.67 14.37 26.16
CA LEU B 314 -11.21 15.64 26.69
C LEU B 314 -10.92 16.60 25.53
N GLY B 315 -11.50 17.78 25.58
CA GLY B 315 -11.44 18.71 24.48
C GLY B 315 -12.75 18.87 23.75
N ARG B 316 -13.71 17.97 23.96
CA ARG B 316 -15.00 18.13 23.26
C ARG B 316 -15.68 19.44 23.64
N ASN B 317 -15.44 19.95 24.84
CA ASN B 317 -16.05 21.18 25.32
C ASN B 317 -15.21 22.42 25.03
N GLY B 318 -14.10 22.26 24.33
CA GLY B 318 -13.20 23.37 24.05
C GLY B 318 -11.83 23.10 24.62
N VAL B 319 -10.89 23.95 24.21
CA VAL B 319 -9.51 23.66 24.56
C VAL B 319 -9.21 23.99 26.02
N GLU B 320 -10.06 24.81 26.66
CA GLU B 320 -9.82 25.20 28.05
C GLU B 320 -9.73 23.99 28.98
N GLU B 321 -10.56 22.97 28.76
CA GLU B 321 -10.47 21.82 29.65
C GLU B 321 -9.21 21.00 29.37
N ILE B 322 -8.59 21.14 28.21
CA ILE B 322 -7.30 20.51 28.05
C ILE B 322 -6.26 21.24 28.90
N ARG B 323 -6.31 22.58 28.90
CA ARG B 323 -5.26 23.32 29.58
C ARG B 323 -5.35 23.15 31.09
N GLN B 324 -6.54 22.92 31.61
CA GLN B 324 -6.71 22.80 33.05
C GLN B 324 -6.32 21.44 33.59
N HIS B 325 -5.95 20.47 32.75
CA HIS B 325 -5.66 19.14 33.27
C HIS B 325 -4.45 19.20 34.19
N PRO B 326 -4.50 18.56 35.36
CA PRO B 326 -3.39 18.65 36.31
C PRO B 326 -2.06 18.18 35.77
N PHE B 327 -2.03 17.33 34.74
CA PHE B 327 -0.73 16.91 34.21
C PHE B 327 0.11 18.11 33.79
N PHE B 328 -0.53 19.22 33.41
CA PHE B 328 0.19 20.38 32.91
C PHE B 328 0.66 21.32 34.02
N LYS B 329 0.48 20.96 35.30
CA LYS B 329 1.01 21.78 36.37
C LYS B 329 2.53 21.73 36.38
N ASN B 330 3.16 22.89 36.37
CA ASN B 330 4.62 22.91 36.35
C ASN B 330 5.11 24.25 36.89
N ASP B 331 6.39 24.29 37.23
CA ASP B 331 6.98 25.50 37.78
C ASP B 331 7.84 26.24 36.75
N GLN B 332 7.80 25.85 35.47
CA GLN B 332 8.68 26.44 34.47
C GLN B 332 8.00 27.34 33.44
N TRP B 333 6.73 27.10 33.10
CA TRP B 333 6.09 27.89 32.05
C TRP B 333 4.60 28.01 32.29
N HIS B 334 3.99 28.98 31.62
CA HIS B 334 2.55 29.21 31.62
C HIS B 334 1.99 28.99 30.22
N TRP B 335 0.69 28.69 30.16
CA TRP B 335 0.03 28.58 28.86
C TRP B 335 0.11 29.87 28.07
N ASP B 336 0.28 31.00 28.76
CA ASP B 336 0.32 32.33 28.16
C ASP B 336 1.66 32.66 27.53
N ASN B 337 2.71 31.92 27.86
CA ASN B 337 4.06 32.38 27.50
C ASN B 337 5.03 31.26 27.13
N ILE B 338 4.56 30.04 26.92
CA ILE B 338 5.47 28.91 26.78
C ILE B 338 6.49 29.14 25.67
N ARG B 339 6.10 29.81 24.58
CA ARG B 339 7.04 30.01 23.51
C ARG B 339 8.08 31.10 23.82
N GLU B 340 7.97 31.75 24.98
CA GLU B 340 8.99 32.67 25.42
C GLU B 340 9.93 32.06 26.45
N THR B 341 9.71 30.81 26.83
CA THR B 341 10.53 30.16 27.84
C THR B 341 11.54 29.21 27.19
N ALA B 342 12.38 28.58 28.01
CA ALA B 342 13.49 27.79 27.49
C ALA B 342 13.03 26.40 27.08
N ALA B 343 13.39 26.00 25.86
CA ALA B 343 13.04 24.68 25.34
C ALA B 343 13.89 23.60 25.98
N PRO B 344 13.42 22.36 26.00
CA PRO B 344 14.22 21.28 26.59
C PRO B 344 15.50 20.97 25.83
N VAL B 345 15.50 21.06 24.51
CA VAL B 345 16.64 20.69 23.69
C VAL B 345 16.90 21.79 22.70
N VAL B 346 18.00 22.51 22.87
CA VAL B 346 18.41 23.56 21.96
C VAL B 346 19.49 23.01 21.03
N PRO B 347 19.32 23.11 19.72
CA PRO B 347 20.28 22.46 18.82
C PRO B 347 21.64 23.15 18.86
N GLU B 348 22.70 22.35 18.82
CA GLU B 348 24.06 22.86 18.65
C GLU B 348 24.43 22.71 17.18
N LEU B 349 24.58 23.84 16.49
CA LEU B 349 24.73 23.87 15.04
C LEU B 349 26.10 24.43 14.65
N SER B 350 26.73 23.78 13.67
CA SER B 350 28.09 24.08 13.24
C SER B 350 28.16 25.14 12.14
N SER B 351 27.30 25.06 11.14
CA SER B 351 27.31 26.03 10.04
C SER B 351 25.87 26.33 9.69
N ASP B 352 25.68 27.20 8.70
CA ASP B 352 24.34 27.45 8.21
C ASP B 352 23.81 26.30 7.34
N ILE B 353 24.61 25.24 7.13
CA ILE B 353 24.12 24.06 6.44
C ILE B 353 24.27 22.81 7.31
N ASP B 354 24.48 22.99 8.60
CA ASP B 354 24.42 21.86 9.52
C ASP B 354 23.09 21.14 9.38
N SER B 355 23.14 19.90 8.88
CA SER B 355 21.95 19.06 8.78
C SER B 355 22.11 17.81 9.63
N SER B 356 22.90 17.89 10.70
CA SER B 356 23.22 16.71 11.49
C SER B 356 22.03 16.15 12.27
N ASN B 357 20.97 16.92 12.46
CA ASN B 357 19.76 16.35 13.05
C ASN B 357 18.87 15.70 12.01
N PHE B 358 19.39 15.43 10.80
CA PHE B 358 18.63 14.74 9.76
C PHE B 358 19.41 13.53 9.26
N ASP B 359 18.77 12.36 9.23
CA ASP B 359 19.36 11.18 8.64
C ASP B 359 19.58 11.38 7.14
N ASP B 360 20.54 10.63 6.60
CA ASP B 360 20.79 10.72 5.18
C ASP B 360 19.70 9.97 4.41
N ILE B 361 19.53 10.31 3.13
CA ILE B 361 18.49 9.73 2.28
C ILE B 361 19.14 8.92 1.15
N GLU B 362 18.54 7.77 0.85
CA GLU B 362 18.99 6.93 -0.26
C GLU B 362 18.55 7.51 -1.60
N GLU B 369 11.51 10.57 -15.43
CA GLU B 369 10.51 10.15 -16.41
C GLU B 369 9.63 11.32 -16.82
N THR B 370 9.15 11.31 -18.07
CA THR B 370 8.49 12.48 -18.64
C THR B 370 7.18 12.08 -19.30
N PHE B 371 6.33 13.09 -19.52
CA PHE B 371 5.06 12.85 -20.21
C PHE B 371 5.31 12.42 -21.65
N PRO B 372 4.45 11.56 -22.20
CA PRO B 372 4.51 11.31 -23.63
C PRO B 372 3.89 12.46 -24.42
N ILE B 373 4.44 12.71 -25.60
CA ILE B 373 3.98 13.77 -26.48
C ILE B 373 2.52 13.48 -26.86
N PRO B 374 1.58 14.38 -26.57
CA PRO B 374 0.15 14.01 -26.72
C PRO B 374 -0.28 13.94 -28.17
N LYS B 375 -1.30 13.13 -28.42
CA LYS B 375 -1.90 13.11 -29.74
C LYS B 375 -3.07 14.10 -29.83
N ALA B 376 -3.77 14.30 -28.72
CA ALA B 376 -4.85 15.28 -28.59
C ALA B 376 -4.68 16.01 -27.26
N PHE B 377 -5.52 17.02 -27.02
CA PHE B 377 -5.39 17.85 -25.82
C PHE B 377 -5.62 17.04 -24.54
N VAL B 378 -4.61 17.05 -23.65
CA VAL B 378 -4.68 16.30 -22.40
C VAL B 378 -4.67 17.18 -21.16
N GLY B 379 -4.02 18.35 -21.19
CA GLY B 379 -4.06 19.33 -20.11
C GLY B 379 -3.26 19.04 -18.85
N ASN B 380 -2.03 18.55 -18.99
CA ASN B 380 -1.29 18.10 -17.83
C ASN B 380 -0.92 19.25 -16.90
N GLN B 381 -0.79 20.47 -17.41
CA GLN B 381 -0.43 21.61 -16.60
C GLN B 381 -1.62 22.32 -15.95
N LEU B 382 -2.85 22.03 -16.38
CA LEU B 382 -4.01 22.73 -15.83
C LEU B 382 -4.18 22.63 -14.32
N PRO B 383 -4.01 21.46 -13.68
CA PRO B 383 -4.25 21.38 -12.22
C PRO B 383 -3.30 22.24 -11.39
N PHE B 384 -2.22 22.77 -11.97
CA PHE B 384 -1.20 23.51 -11.25
C PHE B 384 -1.28 25.01 -11.47
N ILE B 385 -2.35 25.50 -12.11
CA ILE B 385 -2.54 26.93 -12.31
C ILE B 385 -2.87 27.61 -10.98
N GLY B 386 -2.14 28.68 -10.67
CA GLY B 386 -2.33 29.36 -9.42
C GLY B 386 -1.40 28.93 -8.32
N PHE B 387 -0.46 28.02 -8.60
CA PHE B 387 0.47 27.62 -7.55
C PHE B 387 1.53 28.68 -7.27
N THR B 388 1.97 29.43 -8.30
CA THR B 388 3.05 30.38 -8.12
C THR B 388 2.73 31.41 -7.04
N TYR B 389 3.72 31.73 -6.21
CA TYR B 389 3.59 32.75 -5.16
C TYR B 389 4.95 33.31 -4.82
N TYR B 390 5.09 34.64 -4.90
CA TYR B 390 6.32 35.31 -4.50
C TYR B 390 5.98 36.25 -3.37
N ARG B 391 6.53 35.98 -2.17
CA ARG B 391 6.39 36.88 -1.03
C ARG B 391 7.10 38.21 -1.33
#